data_7WN9
#
_entry.id   7WN9
#
_cell.length_a   156.344
_cell.length_b   156.344
_cell.length_c   183.739
_cell.angle_alpha   90.00
_cell.angle_beta   90.00
_cell.angle_gamma   90.00
#
_symmetry.space_group_name_H-M   'I 41 2 2'
#
loop_
_entity.id
_entity.type
_entity.pdbx_description
1 polymer 'Putative D-lactate dehydrogenase'
2 non-polymer 'ACETATE ION'
3 water water
#
_entity_poly.entity_id   1
_entity_poly.type   'polypeptide(L)'
_entity_poly.pdbx_seq_one_letter_code
;GAMDMKITLFSSKPYWVKWFNELNKFSYEINYVTSACDIKSVNEAKGSEAVCCFVNDDLSKEVIETLHSNGTKVILMRCA
GFNKVDLDTANKLGIPVLRVPAYSPNAVSEYALSLIMALNRKTHKAHDRVRDANFEINGMEGFNMVSKVYGIVGTGNIGE
QLCRVLKLGFGAKVIAYDIIENKAVTDIGIEYVKTLDEIWKQCDVISLHTPLNSQTKYMVNSESIEKMRDGVMIINVSRG
ALVNASDAIVGLKSGKISSLGMDVYENETDYFYQDHNGSIIKDDNLSLLISYPNVMITSHQAWYTKEAISCICGTSLQNF
VDFRSNQIKKSNLVNNPISSQPTQ
;
_entity_poly.pdbx_strand_id   A,B
#
# COMPACT_ATOMS: atom_id res chain seq x y z
N ALA A 2 17.04 -4.37 -43.93
CA ALA A 2 17.02 -2.97 -44.38
C ALA A 2 17.07 -2.00 -43.20
N MET A 3 18.11 -1.15 -43.16
CA MET A 3 18.26 -0.18 -42.08
C MET A 3 16.97 0.59 -41.84
N ASP A 4 16.20 0.93 -42.87
CA ASP A 4 15.03 1.81 -42.64
C ASP A 4 13.95 1.13 -41.78
N MET A 5 14.11 -0.16 -41.48
CA MET A 5 13.09 -0.88 -40.71
C MET A 5 13.63 -1.43 -39.40
N LYS A 6 14.76 -0.90 -38.92
CA LYS A 6 15.46 -1.51 -37.81
C LYS A 6 15.61 -0.54 -36.65
N ILE A 7 15.36 -1.04 -35.45
CA ILE A 7 15.52 -0.30 -34.21
C ILE A 7 16.54 -1.03 -33.36
N THR A 8 17.53 -0.32 -32.87
CA THR A 8 18.37 -0.82 -31.79
C THR A 8 17.85 -0.22 -30.49
N LEU A 9 17.42 -1.08 -29.57
CA LEU A 9 16.88 -0.67 -28.27
C LEU A 9 17.95 -0.87 -27.21
N PHE A 10 18.47 0.23 -26.66
CA PHE A 10 19.49 0.16 -25.63
C PHE A 10 18.85 0.06 -24.25
N SER A 11 19.69 -0.31 -23.26
CA SER A 11 19.25 -0.53 -21.88
C SER A 11 18.07 -1.49 -21.83
N SER A 12 18.14 -2.53 -22.64
CA SER A 12 17.04 -3.49 -22.73
C SER A 12 16.88 -4.27 -21.44
N LYS A 13 15.65 -4.67 -21.19
CA LYS A 13 15.24 -5.45 -20.03
C LYS A 13 14.16 -6.40 -20.50
N PRO A 14 13.89 -7.47 -19.76
CA PRO A 14 12.86 -8.42 -20.19
C PRO A 14 11.50 -7.79 -20.36
N TYR A 15 11.16 -6.76 -19.59
CA TYR A 15 9.84 -6.17 -19.76
C TYR A 15 9.78 -5.30 -21.02
N TRP A 16 10.89 -4.70 -21.43
CA TRP A 16 10.88 -4.01 -22.72
C TRP A 16 10.79 -5.01 -23.86
N VAL A 17 11.52 -6.12 -23.78
CA VAL A 17 11.42 -7.13 -24.83
C VAL A 17 9.99 -7.61 -24.97
N LYS A 18 9.35 -7.91 -23.85
CA LYS A 18 8.00 -8.43 -23.87
C LYS A 18 7.04 -7.46 -24.57
N TRP A 19 7.09 -6.19 -24.19
CA TRP A 19 6.05 -5.28 -24.61
C TRP A 19 6.30 -4.73 -26.00
N PHE A 20 7.56 -4.47 -26.37
CA PHE A 20 7.83 -4.04 -27.74
C PHE A 20 7.51 -5.13 -28.74
N ASN A 21 7.84 -6.40 -28.43
CA ASN A 21 7.48 -7.49 -29.34
C ASN A 21 5.97 -7.67 -29.42
N GLU A 22 5.29 -7.61 -28.27
CA GLU A 22 3.83 -7.72 -28.32
C GLU A 22 3.22 -6.64 -29.20
N LEU A 23 3.71 -5.40 -29.10
CA LEU A 23 3.07 -4.29 -29.79
C LEU A 23 3.66 -4.00 -31.16
N ASN A 24 4.76 -4.66 -31.53
CA ASN A 24 5.40 -4.46 -32.83
C ASN A 24 4.58 -5.21 -33.88
N LYS A 25 3.48 -4.59 -34.29
CA LYS A 25 2.66 -5.14 -35.35
C LYS A 25 3.10 -4.65 -36.73
N PHE A 26 4.16 -3.85 -36.80
CA PHE A 26 4.62 -3.26 -38.04
C PHE A 26 5.79 -4.01 -38.65
N SER A 27 6.17 -5.15 -38.07
CA SER A 27 7.28 -5.96 -38.57
C SER A 27 8.60 -5.20 -38.57
N TYR A 28 8.77 -4.23 -37.67
CA TYR A 28 10.11 -3.71 -37.49
C TYR A 28 11.02 -4.84 -37.01
N GLU A 29 12.29 -4.71 -37.30
CA GLU A 29 13.31 -5.58 -36.72
C GLU A 29 13.90 -4.86 -35.53
N ILE A 30 13.97 -5.52 -34.38
CA ILE A 30 14.43 -4.86 -33.16
C ILE A 30 15.64 -5.60 -32.60
N ASN A 31 16.73 -4.88 -32.46
CA ASN A 31 17.99 -5.38 -31.91
C ASN A 31 18.09 -4.91 -30.46
N TYR A 32 17.84 -5.83 -29.52
CA TYR A 32 17.80 -5.52 -28.09
C TYR A 32 19.20 -5.58 -27.49
N VAL A 33 19.66 -4.47 -26.96
CA VAL A 33 20.99 -4.34 -26.38
C VAL A 33 20.83 -4.09 -24.89
N THR A 34 21.47 -4.93 -24.08
CA THR A 34 21.40 -4.78 -22.64
C THR A 34 22.21 -3.58 -22.18
N SER A 35 23.38 -3.38 -22.78
CA SER A 35 24.22 -2.26 -22.40
C SER A 35 23.48 -0.95 -22.59
N ALA A 36 23.75 -0.01 -21.68
CA ALA A 36 23.37 1.37 -21.93
C ALA A 36 23.99 1.85 -23.24
N CYS A 37 23.35 2.82 -23.87
CA CYS A 37 23.99 3.49 -24.99
C CYS A 37 25.09 4.42 -24.45
N ASP A 38 26.31 4.18 -24.92
CA ASP A 38 27.44 5.06 -24.61
C ASP A 38 28.46 4.88 -25.72
N ILE A 39 29.62 5.52 -25.56
CA ILE A 39 30.58 5.51 -26.66
C ILE A 39 31.15 4.11 -26.90
N LYS A 40 31.07 3.21 -25.91
CA LYS A 40 31.59 1.86 -26.08
C LYS A 40 30.60 0.92 -26.76
N SER A 41 29.31 1.19 -26.67
CA SER A 41 28.29 0.32 -27.25
C SER A 41 27.63 0.88 -28.50
N VAL A 42 27.80 2.18 -28.78
CA VAL A 42 27.05 2.84 -29.84
C VAL A 42 27.13 2.07 -31.15
N ASN A 43 28.25 1.40 -31.41
CA ASN A 43 28.42 0.67 -32.67
C ASN A 43 27.41 -0.46 -32.82
N GLU A 44 26.79 -0.91 -31.72
CA GLU A 44 25.74 -1.91 -31.87
C GLU A 44 24.57 -1.40 -32.70
N ALA A 45 24.40 -0.09 -32.80
CA ALA A 45 23.33 0.53 -33.57
C ALA A 45 23.69 0.77 -35.04
N LYS A 46 24.89 0.39 -35.47
CA LYS A 46 25.30 0.60 -36.86
C LYS A 46 24.26 0.00 -37.81
N GLY A 47 23.77 0.82 -38.74
CA GLY A 47 22.75 0.36 -39.65
C GLY A 47 21.31 0.35 -39.13
N SER A 48 21.05 0.86 -37.93
CA SER A 48 19.69 1.03 -37.43
C SER A 48 19.20 2.44 -37.75
N GLU A 49 18.10 2.51 -38.50
CA GLU A 49 17.49 3.82 -38.75
C GLU A 49 17.10 4.50 -37.44
N ALA A 50 16.66 3.72 -36.45
CA ALA A 50 16.23 4.26 -35.17
C ALA A 50 16.97 3.60 -34.02
N VAL A 51 17.23 4.37 -32.98
CA VAL A 51 17.59 3.80 -31.69
C VAL A 51 16.48 4.16 -30.71
N CYS A 52 16.26 3.26 -29.75
CA CYS A 52 15.27 3.48 -28.69
C CYS A 52 16.00 3.50 -27.35
N CYS A 53 15.90 4.61 -26.63
CA CYS A 53 16.68 4.80 -25.42
C CYS A 53 15.79 5.17 -24.24
N PHE A 54 16.33 4.97 -23.05
CA PHE A 54 15.65 5.25 -21.79
C PHE A 54 16.44 6.31 -21.01
N VAL A 55 16.06 6.53 -19.74
CA VAL A 55 16.49 7.74 -19.04
C VAL A 55 18.00 7.78 -18.84
N ASN A 56 18.65 6.63 -18.72
CA ASN A 56 20.06 6.58 -18.36
C ASN A 56 20.99 6.33 -19.53
N ASP A 57 20.48 6.34 -20.76
CA ASP A 57 21.33 6.12 -21.91
C ASP A 57 22.11 7.39 -22.22
N ASP A 58 23.39 7.23 -22.55
CA ASP A 58 24.30 8.37 -22.67
C ASP A 58 24.32 8.83 -24.13
N LEU A 59 23.41 9.74 -24.47
CA LEU A 59 23.29 10.23 -25.84
C LEU A 59 24.03 11.56 -25.99
N SER A 60 25.33 11.48 -25.80
CA SER A 60 26.21 12.63 -25.80
C SER A 60 26.51 13.05 -27.24
N LYS A 61 27.18 14.20 -27.36
CA LYS A 61 27.56 14.72 -28.67
C LYS A 61 28.27 13.66 -29.50
N GLU A 62 29.28 13.01 -28.92
CA GLU A 62 30.08 12.05 -29.68
C GLU A 62 29.29 10.80 -30.00
N VAL A 63 28.39 10.40 -29.11
CA VAL A 63 27.52 9.26 -29.37
C VAL A 63 26.58 9.58 -30.52
N ILE A 64 25.90 10.74 -30.47
CA ILE A 64 24.96 11.08 -31.53
C ILE A 64 25.69 11.24 -32.86
N GLU A 65 26.89 11.83 -32.85
CA GLU A 65 27.67 11.93 -34.07
C GLU A 65 27.96 10.55 -34.65
N THR A 66 28.38 9.62 -33.79
CA THR A 66 28.65 8.26 -34.27
C THR A 66 27.38 7.61 -34.78
N LEU A 67 26.27 7.78 -34.05
CA LEU A 67 24.99 7.24 -34.51
C LEU A 67 24.67 7.73 -35.90
N HIS A 68 24.77 9.05 -36.12
CA HIS A 68 24.47 9.61 -37.42
C HIS A 68 25.37 9.03 -38.50
N SER A 69 26.68 8.91 -38.20
CA SER A 69 27.62 8.38 -39.18
C SER A 69 27.22 6.99 -39.63
N ASN A 70 26.59 6.22 -38.75
CA ASN A 70 26.31 4.82 -39.02
C ASN A 70 24.89 4.58 -39.51
N GLY A 71 24.15 5.65 -39.82
CA GLY A 71 22.87 5.53 -40.47
C GLY A 71 21.64 5.76 -39.61
N THR A 72 21.79 6.17 -38.37
CA THR A 72 20.66 6.41 -37.49
C THR A 72 20.02 7.75 -37.81
N LYS A 73 18.71 7.75 -38.09
CA LYS A 73 18.00 8.98 -38.44
C LYS A 73 17.11 9.55 -37.34
N VAL A 74 16.74 8.75 -36.34
CA VAL A 74 15.74 9.19 -35.36
C VAL A 74 16.04 8.53 -34.02
N ILE A 75 15.84 9.30 -32.95
CA ILE A 75 16.00 8.83 -31.58
C ILE A 75 14.61 8.73 -30.95
N LEU A 76 14.24 7.51 -30.53
CA LEU A 76 12.98 7.25 -29.85
C LEU A 76 13.26 7.12 -28.35
N MET A 77 12.90 8.16 -27.59
CA MET A 77 12.97 8.07 -26.14
C MET A 77 11.71 7.39 -25.63
N ARG A 78 11.86 6.23 -25.01
CA ARG A 78 10.70 5.54 -24.45
C ARG A 78 10.40 6.03 -23.04
N CYS A 79 10.33 7.36 -22.91
CA CYS A 79 10.21 8.05 -21.62
C CYS A 79 9.97 9.53 -21.90
N ALA A 80 9.67 10.26 -20.83
CA ALA A 80 9.41 11.69 -20.91
C ALA A 80 10.69 12.52 -20.78
N GLY A 81 11.71 11.99 -20.09
CA GLY A 81 12.90 12.76 -19.83
C GLY A 81 13.94 12.62 -20.93
N PHE A 82 14.86 13.59 -20.97
CA PHE A 82 15.87 13.60 -22.01
C PHE A 82 17.13 14.35 -21.59
N ASN A 83 17.38 14.50 -20.29
CA ASN A 83 18.50 15.32 -19.83
C ASN A 83 19.86 14.76 -20.21
N LYS A 84 19.95 13.50 -20.63
CA LYS A 84 21.22 12.96 -21.11
C LYS A 84 21.30 12.92 -22.63
N VAL A 85 20.35 13.53 -23.33
CA VAL A 85 20.40 13.61 -24.79
C VAL A 85 20.96 14.97 -25.16
N ASP A 86 21.99 14.99 -26.00
CA ASP A 86 22.56 16.26 -26.46
C ASP A 86 21.68 16.78 -27.60
N LEU A 87 20.65 17.55 -27.23
CA LEU A 87 19.67 18.00 -28.22
C LEU A 87 20.33 18.86 -29.30
N ASP A 88 21.29 19.68 -28.91
CA ASP A 88 21.93 20.57 -29.88
C ASP A 88 22.64 19.76 -30.97
N THR A 89 23.28 18.66 -30.58
CA THR A 89 23.93 17.82 -31.58
C THR A 89 22.92 17.12 -32.47
N ALA A 90 21.77 16.73 -31.89
CA ALA A 90 20.71 16.12 -32.69
C ALA A 90 20.10 17.14 -33.64
N ASN A 91 19.89 18.36 -33.16
CA ASN A 91 19.48 19.46 -34.03
C ASN A 91 20.46 19.61 -35.18
N LYS A 92 21.74 19.85 -34.86
CA LYS A 92 22.72 20.13 -35.90
C LYS A 92 22.76 19.03 -36.93
N LEU A 93 22.48 17.79 -36.54
CA LEU A 93 22.51 16.67 -37.48
C LEU A 93 21.14 16.33 -38.05
N GLY A 94 20.11 17.12 -37.73
CA GLY A 94 18.78 16.85 -38.25
C GLY A 94 18.15 15.55 -37.76
N ILE A 95 18.45 15.13 -36.54
CA ILE A 95 17.89 13.90 -35.98
C ILE A 95 16.75 14.29 -35.04
N PRO A 96 15.50 13.94 -35.34
CA PRO A 96 14.43 14.23 -34.39
C PRO A 96 14.56 13.35 -33.15
N VAL A 97 14.22 13.93 -32.01
CA VAL A 97 14.15 13.19 -30.74
C VAL A 97 12.68 13.13 -30.37
N LEU A 98 12.10 11.93 -30.47
CA LEU A 98 10.68 11.71 -30.25
C LEU A 98 10.48 10.99 -28.92
N ARG A 99 9.58 11.53 -28.08
CA ARG A 99 9.45 11.00 -26.73
C ARG A 99 8.02 10.56 -26.44
N VAL A 100 7.86 10.03 -25.23
CA VAL A 100 6.55 9.76 -24.64
C VAL A 100 6.28 10.89 -23.64
N PRO A 101 5.43 11.86 -23.96
CA PRO A 101 5.39 13.09 -23.14
C PRO A 101 4.75 12.92 -21.76
N ALA A 102 3.84 11.97 -21.56
CA ALA A 102 3.21 11.80 -20.25
C ALA A 102 2.95 10.33 -19.97
N TYR A 103 3.01 9.95 -18.70
CA TYR A 103 2.68 8.58 -18.31
C TYR A 103 1.24 8.51 -17.83
N SER A 104 0.67 7.31 -17.89
CA SER A 104 -0.66 7.05 -17.35
C SER A 104 -0.81 7.73 -15.99
N PRO A 105 -1.73 8.70 -15.86
CA PRO A 105 -1.88 9.37 -14.56
C PRO A 105 -2.51 8.49 -13.50
N ASN A 106 -3.31 7.49 -13.88
CA ASN A 106 -3.76 6.50 -12.91
C ASN A 106 -2.58 5.73 -12.32
N ALA A 107 -1.67 5.26 -13.18
CA ALA A 107 -0.56 4.43 -12.70
C ALA A 107 0.28 5.19 -11.69
N VAL A 108 0.65 6.44 -12.00
CA VAL A 108 1.58 7.17 -11.18
C VAL A 108 0.91 7.69 -9.92
N SER A 109 -0.33 8.17 -10.04
CA SER A 109 -1.02 8.65 -8.84
C SER A 109 -1.30 7.51 -7.88
N GLU A 110 -1.63 6.33 -8.42
CA GLU A 110 -1.90 5.19 -7.56
C GLU A 110 -0.62 4.67 -6.92
N TYR A 111 0.52 4.83 -7.60
CA TYR A 111 1.78 4.48 -6.95
C TYR A 111 2.10 5.44 -5.81
N ALA A 112 1.85 6.74 -6.00
CA ALA A 112 2.02 7.65 -4.87
C ALA A 112 1.10 7.25 -3.72
N LEU A 113 -0.12 6.81 -4.03
CA LEU A 113 -1.02 6.34 -2.98
C LEU A 113 -0.47 5.09 -2.31
N SER A 114 0.13 4.19 -3.09
CA SER A 114 0.67 2.97 -2.50
CA SER A 114 0.69 2.96 -2.52
C SER A 114 1.82 3.28 -1.55
N LEU A 115 2.56 4.35 -1.81
CA LEU A 115 3.61 4.74 -0.87
C LEU A 115 3.02 5.31 0.42
N ILE A 116 1.97 6.14 0.30
CA ILE A 116 1.27 6.65 1.48
C ILE A 116 0.76 5.50 2.33
N MET A 117 0.08 4.53 1.71
CA MET A 117 -0.50 3.42 2.46
CA MET A 117 -0.50 3.45 2.49
C MET A 117 0.58 2.54 3.09
N ALA A 118 1.68 2.34 2.39
CA ALA A 118 2.78 1.57 2.94
C ALA A 118 3.36 2.26 4.16
N LEU A 119 3.67 3.55 4.05
CA LEU A 119 4.25 4.26 5.20
C LEU A 119 3.23 4.46 6.31
N ASN A 120 1.95 4.45 5.97
CA ASN A 120 0.89 4.62 6.96
C ASN A 120 0.67 3.31 7.72
N ARG A 121 0.19 2.28 7.03
CA ARG A 121 -0.15 1.01 7.66
C ARG A 121 1.04 0.06 7.78
N LYS A 122 2.18 0.36 7.14
CA LYS A 122 3.43 -0.37 7.35
C LYS A 122 3.34 -1.85 6.97
N THR A 123 2.63 -2.13 5.88
CA THR A 123 2.53 -3.51 5.40
C THR A 123 3.90 -4.11 5.10
N HIS A 124 4.85 -3.30 4.62
CA HIS A 124 6.18 -3.86 4.31
C HIS A 124 6.95 -4.21 5.59
N LYS A 125 6.82 -3.40 6.63
CA LYS A 125 7.39 -3.73 7.93
C LYS A 125 6.75 -4.97 8.53
N ALA A 126 5.43 -5.08 8.40
CA ALA A 126 4.76 -6.27 8.90
C ALA A 126 5.23 -7.51 8.13
N HIS A 127 5.38 -7.38 6.81
CA HIS A 127 5.84 -8.49 5.98
C HIS A 127 7.22 -8.96 6.43
N ASP A 128 8.13 -8.02 6.68
CA ASP A 128 9.48 -8.43 7.11
C ASP A 128 9.44 -9.07 8.49
N ARG A 129 8.62 -8.56 9.40
CA ARG A 129 8.52 -9.20 10.71
C ARG A 129 7.98 -10.61 10.60
N VAL A 130 6.88 -10.79 9.86
CA VAL A 130 6.22 -12.08 9.83
C VAL A 130 7.08 -13.11 9.11
N ARG A 131 7.85 -12.69 8.10
CA ARG A 131 8.81 -13.59 7.47
C ARG A 131 9.80 -14.14 8.48
N ASP A 132 10.08 -13.39 9.55
CA ASP A 132 10.94 -13.85 10.62
C ASP A 132 10.17 -14.50 11.76
N ALA A 133 8.93 -14.93 11.51
CA ALA A 133 8.07 -15.48 12.57
C ALA A 133 7.89 -14.50 13.73
N ASN A 134 7.94 -13.21 13.45
CA ASN A 134 7.71 -12.17 14.45
C ASN A 134 6.33 -11.59 14.15
N PHE A 135 5.35 -11.99 14.96
CA PHE A 135 3.98 -11.53 14.81
C PHE A 135 3.64 -10.38 15.75
N GLU A 136 4.63 -9.71 16.31
CA GLU A 136 4.37 -8.51 17.11
C GLU A 136 3.98 -7.34 16.21
N ILE A 137 3.02 -6.54 16.68
CA ILE A 137 2.53 -5.42 15.88
C ILE A 137 2.82 -4.07 16.51
N ASN A 138 3.45 -4.03 17.69
CA ASN A 138 3.88 -2.75 18.25
C ASN A 138 4.75 -2.02 17.23
N GLY A 139 4.52 -0.71 17.10
CA GLY A 139 5.20 0.08 16.09
C GLY A 139 4.46 0.21 14.78
N MET A 140 3.29 -0.40 14.64
CA MET A 140 2.58 -0.36 13.36
C MET A 140 1.31 0.46 13.42
N GLU A 141 1.15 1.30 14.42
CA GLU A 141 -0.04 2.13 14.49
C GLU A 141 -0.16 3.03 13.25
N GLY A 142 -1.28 2.95 12.57
CA GLY A 142 -1.55 3.79 11.41
C GLY A 142 -2.50 4.92 11.73
N PHE A 143 -3.00 5.55 10.67
CA PHE A 143 -4.03 6.57 10.80
C PHE A 143 -5.14 6.27 9.80
N ASN A 144 -6.36 6.64 10.16
CA ASN A 144 -7.44 6.64 9.18
C ASN A 144 -7.17 7.73 8.16
N MET A 145 -7.38 7.42 6.89
CA MET A 145 -6.99 8.33 5.82
C MET A 145 -7.63 9.70 6.00
N VAL A 146 -8.90 9.73 6.40
CA VAL A 146 -9.63 10.99 6.53
C VAL A 146 -9.10 11.85 7.67
N SER A 147 -8.25 11.29 8.54
CA SER A 147 -7.75 12.06 9.68
CA SER A 147 -7.73 12.04 9.68
C SER A 147 -6.67 13.06 9.30
N LYS A 148 -6.13 13.02 8.08
CA LYS A 148 -5.03 13.89 7.71
C LYS A 148 -5.47 14.90 6.65
N VAL A 149 -4.79 16.06 6.65
CA VAL A 149 -4.92 17.03 5.56
C VAL A 149 -3.81 16.77 4.54
N TYR A 150 -4.18 16.66 3.26
CA TYR A 150 -3.26 16.36 2.18
C TYR A 150 -2.98 17.61 1.35
N GLY A 151 -1.71 17.81 1.03
CA GLY A 151 -1.30 18.87 0.11
C GLY A 151 -0.74 18.32 -1.18
N ILE A 152 -1.35 18.68 -2.31
CA ILE A 152 -0.91 18.27 -3.63
C ILE A 152 -0.21 19.46 -4.27
N VAL A 153 1.08 19.33 -4.53
CA VAL A 153 1.87 20.43 -5.08
C VAL A 153 2.06 20.13 -6.56
N GLY A 154 1.33 20.85 -7.41
CA GLY A 154 1.32 20.58 -8.84
C GLY A 154 0.07 19.81 -9.19
N THR A 155 -0.81 20.45 -9.98
CA THR A 155 -2.14 19.89 -10.29
C THR A 155 -2.26 19.52 -11.77
N GLY A 156 -1.21 18.98 -12.34
CA GLY A 156 -1.30 18.41 -13.69
C GLY A 156 -2.15 17.16 -13.62
N ASN A 157 -2.09 16.34 -14.65
CA ASN A 157 -2.98 15.16 -14.73
C ASN A 157 -2.75 14.18 -13.58
N ILE A 158 -1.50 13.95 -13.21
CA ILE A 158 -1.20 13.00 -12.13
C ILE A 158 -1.66 13.56 -10.78
N GLY A 159 -1.30 14.80 -10.47
CA GLY A 159 -1.74 15.40 -9.23
C GLY A 159 -3.24 15.50 -9.13
N GLU A 160 -3.89 15.82 -10.26
CA GLU A 160 -5.35 15.81 -10.31
C GLU A 160 -5.91 14.46 -9.91
N GLN A 161 -5.38 13.38 -10.49
CA GLN A 161 -5.90 12.04 -10.19
C GLN A 161 -5.70 11.69 -8.73
N LEU A 162 -4.57 12.07 -8.13
CA LEU A 162 -4.40 11.85 -6.71
C LEU A 162 -5.38 12.69 -5.89
N CYS A 163 -5.59 13.95 -6.27
CA CYS A 163 -6.63 14.76 -5.63
C CYS A 163 -7.95 14.00 -5.58
N ARG A 164 -8.38 13.46 -6.72
CA ARG A 164 -9.67 12.79 -6.80
C ARG A 164 -9.72 11.57 -5.90
N VAL A 165 -8.66 10.76 -5.88
CA VAL A 165 -8.66 9.56 -5.06
C VAL A 165 -8.82 9.92 -3.59
N LEU A 166 -8.04 10.91 -3.13
CA LEU A 166 -8.07 11.29 -1.72
C LEU A 166 -9.41 11.91 -1.34
N LYS A 167 -9.91 12.83 -2.17
CA LYS A 167 -11.12 13.57 -1.86
C LYS A 167 -12.36 12.70 -2.04
N LEU A 168 -12.51 12.11 -3.22
CA LEU A 168 -13.71 11.34 -3.51
C LEU A 168 -13.66 9.95 -2.90
N GLY A 169 -12.46 9.35 -2.79
CA GLY A 169 -12.37 8.00 -2.26
C GLY A 169 -12.41 7.93 -0.75
N PHE A 170 -11.72 8.83 -0.06
CA PHE A 170 -11.69 8.82 1.39
C PHE A 170 -12.41 10.00 2.00
N GLY A 171 -12.89 10.94 1.19
CA GLY A 171 -13.50 12.13 1.75
C GLY A 171 -12.54 13.00 2.53
N ALA A 172 -11.23 12.87 2.27
CA ALA A 172 -10.26 13.66 3.01
C ALA A 172 -10.29 15.12 2.59
N LYS A 173 -9.81 15.99 3.47
CA LYS A 173 -9.52 17.36 3.09
C LYS A 173 -8.21 17.41 2.29
N VAL A 174 -8.29 18.01 1.10
CA VAL A 174 -7.15 18.16 0.20
C VAL A 174 -6.99 19.64 -0.14
N ILE A 175 -5.74 20.12 -0.05
CA ILE A 175 -5.33 21.48 -0.43
C ILE A 175 -4.35 21.37 -1.59
N ALA A 176 -4.45 22.29 -2.55
CA ALA A 176 -3.62 22.23 -3.75
C ALA A 176 -2.80 23.50 -3.95
N TYR A 177 -1.65 23.35 -4.60
CA TYR A 177 -0.85 24.50 -4.98
C TYR A 177 -0.40 24.34 -6.41
N ASP A 178 -0.59 25.39 -7.21
CA ASP A 178 -0.16 25.45 -8.59
C ASP A 178 -0.46 26.85 -9.11
N ILE A 179 0.49 27.43 -9.84
CA ILE A 179 0.24 28.73 -10.45
C ILE A 179 -1.00 28.68 -11.34
N ILE A 180 -1.22 27.54 -11.99
CA ILE A 180 -2.33 27.33 -12.91
C ILE A 180 -3.35 26.44 -12.21
N GLU A 181 -4.51 27.01 -11.88
CA GLU A 181 -5.56 26.20 -11.27
C GLU A 181 -6.15 25.26 -12.29
N ASN A 182 -6.41 24.03 -11.85
CA ASN A 182 -7.00 22.98 -12.68
C ASN A 182 -8.49 22.93 -12.39
N LYS A 183 -9.31 23.19 -13.39
CA LYS A 183 -10.75 23.26 -13.18
C LYS A 183 -11.32 21.94 -12.64
N ALA A 184 -10.73 20.80 -13.03
CA ALA A 184 -11.22 19.52 -12.52
C ALA A 184 -10.98 19.38 -11.02
N VAL A 185 -10.02 20.10 -10.47
CA VAL A 185 -9.76 20.05 -9.04
C VAL A 185 -10.73 20.95 -8.29
N THR A 186 -10.88 22.20 -8.72
CA THR A 186 -11.86 23.08 -8.07
C THR A 186 -13.27 22.52 -8.18
N ASP A 187 -13.60 21.85 -9.29
CA ASP A 187 -14.93 21.27 -9.46
C ASP A 187 -15.30 20.24 -8.39
N ILE A 188 -14.34 19.59 -7.74
CA ILE A 188 -14.69 18.64 -6.68
C ILE A 188 -14.45 19.25 -5.30
N GLY A 189 -14.38 20.57 -5.22
CA GLY A 189 -14.39 21.23 -3.94
C GLY A 189 -13.04 21.42 -3.31
N ILE A 190 -11.95 21.27 -4.06
CA ILE A 190 -10.61 21.37 -3.50
C ILE A 190 -10.13 22.81 -3.63
N GLU A 191 -9.63 23.35 -2.54
CA GLU A 191 -9.18 24.73 -2.48
C GLU A 191 -7.70 24.84 -2.84
N TYR A 192 -7.35 25.89 -3.58
CA TYR A 192 -5.96 26.23 -3.86
C TYR A 192 -5.49 27.28 -2.87
N VAL A 193 -4.22 27.21 -2.50
CA VAL A 193 -3.62 28.22 -1.63
C VAL A 193 -2.63 29.04 -2.45
N LYS A 194 -2.35 30.25 -1.96
CA LYS A 194 -1.59 31.23 -2.72
C LYS A 194 -0.09 30.97 -2.68
N THR A 195 0.41 30.43 -1.57
CA THR A 195 1.83 30.24 -1.36
C THR A 195 2.11 28.81 -0.94
N LEU A 196 3.33 28.35 -1.24
CA LEU A 196 3.81 27.09 -0.68
C LEU A 196 3.82 27.14 0.84
N ASP A 197 4.05 28.31 1.43
CA ASP A 197 4.06 28.41 2.89
C ASP A 197 2.75 27.92 3.50
N GLU A 198 1.63 28.08 2.79
CA GLU A 198 0.37 27.58 3.32
CA GLU A 198 0.35 27.58 3.29
C GLU A 198 0.27 26.06 3.23
N ILE A 199 0.91 25.44 2.22
CA ILE A 199 0.99 23.98 2.19
C ILE A 199 1.77 23.49 3.41
N TRP A 200 2.94 24.10 3.66
CA TRP A 200 3.73 23.66 4.81
C TRP A 200 2.91 23.78 6.08
N LYS A 201 2.15 24.87 6.20
CA LYS A 201 1.49 25.19 7.46
C LYS A 201 0.32 24.25 7.72
N GLN A 202 -0.38 23.81 6.68
CA GLN A 202 -1.67 23.15 6.86
C GLN A 202 -1.66 21.65 6.63
N CYS A 203 -0.68 21.11 5.92
CA CYS A 203 -0.79 19.75 5.40
C CYS A 203 -0.01 18.76 6.26
N ASP A 204 -0.64 17.62 6.57
CA ASP A 204 0.00 16.51 7.27
C ASP A 204 0.73 15.56 6.33
N VAL A 205 0.25 15.47 5.08
CA VAL A 205 0.80 14.60 4.06
C VAL A 205 0.96 15.44 2.82
N ILE A 206 2.16 15.48 2.26
CA ILE A 206 2.46 16.30 1.09
C ILE A 206 3.00 15.42 -0.01
N SER A 207 2.41 15.53 -1.20
CA SER A 207 2.82 14.77 -2.37
C SER A 207 3.20 15.74 -3.47
N LEU A 208 4.38 15.55 -4.05
CA LEU A 208 4.96 16.49 -5.00
C LEU A 208 4.73 16.01 -6.42
N HIS A 209 4.27 16.91 -7.29
CA HIS A 209 3.96 16.57 -8.68
C HIS A 209 4.29 17.71 -9.63
N THR A 210 5.26 18.53 -9.29
CA THR A 210 5.70 19.59 -10.18
C THR A 210 6.89 19.11 -10.99
N PRO A 211 7.16 19.76 -12.13
CA PRO A 211 8.42 19.51 -12.83
C PRO A 211 9.58 20.08 -12.03
N LEU A 212 10.77 19.58 -12.37
CA LEU A 212 12.01 20.11 -11.80
C LEU A 212 12.52 21.28 -12.63
N ASN A 213 12.77 22.40 -11.96
CA ASN A 213 13.33 23.57 -12.62
C ASN A 213 14.01 24.40 -11.54
N SER A 214 14.57 25.54 -11.94
CA SER A 214 15.33 26.33 -10.98
C SER A 214 14.45 26.84 -9.83
N GLN A 215 13.13 26.85 -9.99
CA GLN A 215 12.28 27.33 -8.91
C GLN A 215 11.78 26.21 -8.01
N THR A 216 11.71 24.98 -8.50
CA THR A 216 11.23 23.87 -7.68
C THR A 216 12.36 23.00 -7.13
N LYS A 217 13.58 23.16 -7.64
CA LYS A 217 14.71 22.43 -7.11
C LYS A 217 14.86 22.69 -5.61
N TYR A 218 14.99 21.60 -4.85
CA TYR A 218 15.12 21.66 -3.39
C TYR A 218 13.96 22.42 -2.76
N MET A 219 12.79 22.35 -3.39
CA MET A 219 11.57 22.85 -2.75
C MET A 219 11.46 22.35 -1.31
N VAL A 220 11.80 21.10 -1.07
CA VAL A 220 11.87 20.54 0.27
C VAL A 220 13.32 20.72 0.73
N ASN A 221 13.54 21.59 1.71
CA ASN A 221 14.88 21.82 2.23
C ASN A 221 14.75 22.31 3.67
N SER A 222 15.89 22.69 4.26
CA SER A 222 15.90 23.01 5.68
C SER A 222 14.90 24.10 6.02
N GLU A 223 14.86 25.15 5.19
CA GLU A 223 13.96 26.26 5.45
C GLU A 223 12.51 25.80 5.41
N SER A 224 12.11 25.08 4.37
CA SER A 224 10.71 24.68 4.29
C SER A 224 10.40 23.54 5.26
N ILE A 225 11.33 22.60 5.45
CA ILE A 225 11.10 21.55 6.45
C ILE A 225 10.78 22.18 7.80
N GLU A 226 11.47 23.28 8.13
CA GLU A 226 11.25 23.93 9.42
C GLU A 226 9.84 24.48 9.57
N LYS A 227 9.19 24.84 8.47
CA LYS A 227 7.84 25.37 8.52
C LYS A 227 6.77 24.29 8.49
N MET A 228 7.13 23.04 8.19
CA MET A 228 6.14 22.00 8.03
C MET A 228 5.60 21.57 9.39
N ARG A 229 4.51 20.81 9.36
CA ARG A 229 3.93 20.30 10.59
C ARG A 229 4.79 19.19 11.18
N ASP A 230 4.90 19.17 12.51
CA ASP A 230 5.54 18.06 13.22
C ASP A 230 4.93 16.74 12.75
N GLY A 231 5.78 15.82 12.32
CA GLY A 231 5.29 14.53 11.87
C GLY A 231 4.79 14.49 10.45
N VAL A 232 5.19 15.45 9.60
CA VAL A 232 4.69 15.47 8.23
C VAL A 232 5.18 14.22 7.48
N MET A 233 4.33 13.71 6.59
CA MET A 233 4.71 12.68 5.64
C MET A 233 4.91 13.32 4.26
N ILE A 234 6.04 13.01 3.62
CA ILE A 234 6.42 13.61 2.35
C ILE A 234 6.55 12.53 1.30
N ILE A 235 5.86 12.72 0.17
CA ILE A 235 5.83 11.78 -0.94
C ILE A 235 6.38 12.48 -2.19
N ASN A 236 7.24 11.80 -2.94
CA ASN A 236 7.83 12.36 -4.14
C ASN A 236 8.00 11.26 -5.20
N VAL A 237 7.05 11.18 -6.13
CA VAL A 237 7.17 10.32 -7.31
C VAL A 237 7.50 11.13 -8.56
N SER A 238 7.85 12.40 -8.43
CA SER A 238 7.98 13.26 -9.59
C SER A 238 9.43 13.39 -10.07
N ARG A 239 10.27 14.12 -9.34
CA ARG A 239 11.67 14.36 -9.72
CA ARG A 239 11.66 14.30 -9.73
C ARG A 239 12.54 14.32 -8.48
N GLY A 240 13.65 13.59 -8.55
CA GLY A 240 14.51 13.43 -7.38
C GLY A 240 14.84 14.74 -6.70
N ALA A 241 15.30 15.73 -7.47
CA ALA A 241 15.89 16.92 -6.87
C ALA A 241 14.86 17.94 -6.37
N LEU A 242 13.56 17.63 -6.38
CA LEU A 242 12.63 18.44 -5.60
C LEU A 242 12.96 18.38 -4.12
N VAL A 243 13.63 17.32 -3.68
CA VAL A 243 13.97 17.14 -2.26
C VAL A 243 15.47 17.24 -2.09
N ASN A 244 15.90 18.04 -1.13
CA ASN A 244 17.31 18.07 -0.74
C ASN A 244 17.51 16.93 0.26
N ALA A 245 18.11 15.83 -0.21
CA ALA A 245 18.24 14.63 0.61
C ALA A 245 18.97 14.90 1.92
N SER A 246 20.04 15.71 1.87
CA SER A 246 20.77 16.05 3.09
CA SER A 246 20.76 16.03 3.09
C SER A 246 19.83 16.67 4.12
N ASP A 247 19.02 17.64 3.68
CA ASP A 247 18.11 18.30 4.62
C ASP A 247 16.99 17.36 5.06
N ALA A 248 16.47 16.55 4.14
CA ALA A 248 15.46 15.55 4.52
C ALA A 248 15.97 14.65 5.64
N ILE A 249 17.23 14.20 5.53
CA ILE A 249 17.81 13.36 6.56
C ILE A 249 17.81 14.06 7.91
N VAL A 250 18.27 15.33 7.93
CA VAL A 250 18.19 16.10 9.17
C VAL A 250 16.76 16.10 9.72
N GLY A 251 15.77 16.30 8.84
CA GLY A 251 14.40 16.34 9.31
C GLY A 251 13.87 15.00 9.77
N LEU A 252 14.30 13.91 9.12
CA LEU A 252 13.93 12.58 9.60
C LEU A 252 14.54 12.29 10.96
N LYS A 253 15.82 12.63 11.14
CA LYS A 253 16.49 12.38 12.42
C LYS A 253 15.80 13.10 13.56
N SER A 254 15.41 14.36 13.36
CA SER A 254 14.84 15.11 14.48
C SER A 254 13.40 14.68 14.75
N GLY A 255 12.77 13.96 13.83
CA GLY A 255 11.36 13.66 13.99
C GLY A 255 10.42 14.66 13.37
N LYS A 256 10.92 15.77 12.84
CA LYS A 256 10.05 16.72 12.15
C LYS A 256 9.31 16.03 11.00
N ILE A 257 10.04 15.31 10.16
CA ILE A 257 9.47 14.48 9.11
C ILE A 257 9.25 13.08 9.67
N SER A 258 8.00 12.64 9.71
CA SER A 258 7.73 11.31 10.23
CA SER A 258 7.70 11.31 10.23
C SER A 258 8.05 10.22 9.22
N SER A 259 7.91 10.51 7.92
CA SER A 259 8.25 9.50 6.93
C SER A 259 8.40 10.14 5.56
N LEU A 260 9.12 9.44 4.68
CA LEU A 260 9.47 9.90 3.36
C LEU A 260 9.31 8.75 2.39
N GLY A 261 8.50 8.94 1.35
CA GLY A 261 8.42 7.95 0.29
C GLY A 261 8.80 8.58 -1.03
N MET A 262 9.85 8.07 -1.70
CA MET A 262 10.24 8.60 -3.00
C MET A 262 10.42 7.47 -4.01
N ASP A 263 9.93 7.69 -5.22
CA ASP A 263 10.14 6.81 -6.37
C ASP A 263 11.20 7.37 -7.31
N VAL A 264 11.92 8.41 -6.85
CA VAL A 264 12.92 9.14 -7.64
C VAL A 264 14.01 9.57 -6.68
N TYR A 265 15.17 9.94 -7.22
CA TYR A 265 16.26 10.37 -6.37
C TYR A 265 17.25 11.19 -7.19
N GLU A 266 17.79 12.24 -6.58
CA GLU A 266 18.60 13.21 -7.32
C GLU A 266 19.74 12.53 -8.07
N ASN A 267 20.41 11.55 -7.45
CA ASN A 267 21.51 10.92 -8.18
C ASN A 267 21.15 9.52 -8.64
N GLU A 268 19.95 9.33 -9.23
CA GLU A 268 19.48 7.98 -9.49
C GLU A 268 20.26 7.31 -10.63
N THR A 269 20.96 8.07 -11.44
CA THR A 269 21.57 7.57 -12.68
C THR A 269 22.45 6.33 -12.43
N ASP A 270 23.30 6.38 -11.40
CA ASP A 270 24.21 5.26 -11.18
C ASP A 270 23.56 4.07 -10.51
N TYR A 271 22.27 4.13 -10.19
CA TYR A 271 21.73 3.06 -9.35
C TYR A 271 20.48 2.43 -9.93
N PHE A 272 19.53 3.25 -10.37
CA PHE A 272 18.20 2.76 -10.71
C PHE A 272 18.26 1.75 -11.87
N TYR A 273 17.39 0.74 -11.78
CA TYR A 273 17.16 -0.30 -12.78
C TYR A 273 18.25 -1.36 -12.80
N GLN A 274 19.32 -1.21 -12.01
CA GLN A 274 20.47 -2.10 -12.01
CA GLN A 274 20.39 -2.18 -12.03
C GLN A 274 20.56 -2.83 -10.67
N ASP A 275 20.94 -4.10 -10.70
CA ASP A 275 21.16 -4.89 -9.49
C ASP A 275 22.60 -4.64 -9.04
N HIS A 276 22.75 -3.84 -7.99
CA HIS A 276 24.07 -3.49 -7.45
C HIS A 276 24.37 -4.18 -6.13
N ASN A 277 23.72 -5.32 -5.84
CA ASN A 277 24.01 -6.02 -4.60
C ASN A 277 25.48 -6.42 -4.60
N GLY A 278 26.10 -6.40 -3.42
CA GLY A 278 27.51 -6.71 -3.32
C GLY A 278 28.46 -5.56 -3.62
N SER A 279 27.99 -4.43 -4.13
CA SER A 279 28.78 -3.23 -4.26
C SER A 279 28.32 -2.18 -3.24
N ILE A 280 29.26 -1.43 -2.70
CA ILE A 280 28.89 -0.34 -1.81
C ILE A 280 28.23 0.76 -2.61
N ILE A 281 27.07 1.22 -2.16
CA ILE A 281 26.47 2.47 -2.64
C ILE A 281 27.32 3.62 -2.11
N LYS A 282 28.07 4.28 -3.00
CA LYS A 282 28.99 5.32 -2.55
C LYS A 282 28.30 6.61 -2.17
N ASP A 283 27.09 6.87 -2.69
CA ASP A 283 26.30 8.03 -2.31
C ASP A 283 25.78 7.84 -0.88
N ASP A 284 26.39 8.52 0.10
CA ASP A 284 26.03 8.33 1.51
C ASP A 284 24.56 8.65 1.77
N ASN A 285 24.04 9.72 1.16
CA ASN A 285 22.65 10.10 1.44
C ASN A 285 21.69 9.00 1.02
N LEU A 286 21.95 8.36 -0.11
CA LEU A 286 21.11 7.27 -0.58
C LEU A 286 21.25 6.07 0.35
N SER A 287 22.48 5.70 0.71
CA SER A 287 22.68 4.61 1.67
C SER A 287 21.89 4.85 2.94
N LEU A 288 22.01 6.06 3.49
CA LEU A 288 21.32 6.41 4.73
C LEU A 288 19.81 6.32 4.56
N LEU A 289 19.27 7.03 3.56
CA LEU A 289 17.83 7.02 3.35
C LEU A 289 17.29 5.60 3.22
N ILE A 290 17.92 4.79 2.37
CA ILE A 290 17.46 3.41 2.20
C ILE A 290 17.48 2.67 3.55
N SER A 291 18.41 3.00 4.44
CA SER A 291 18.57 2.24 5.67
C SER A 291 17.57 2.64 6.76
N TYR A 292 16.82 3.74 6.58
CA TYR A 292 15.97 4.24 7.66
C TYR A 292 14.65 3.49 7.68
N PRO A 293 14.09 3.25 8.87
CA PRO A 293 12.87 2.43 8.95
C PRO A 293 11.62 3.13 8.45
N ASN A 294 11.59 4.47 8.41
CA ASN A 294 10.42 5.23 7.99
C ASN A 294 10.61 5.86 6.60
N VAL A 295 11.43 5.23 5.76
CA VAL A 295 11.72 5.76 4.44
C VAL A 295 11.54 4.65 3.42
N MET A 296 10.93 5.01 2.29
CA MET A 296 10.80 4.12 1.15
CA MET A 296 10.80 4.12 1.15
C MET A 296 11.40 4.82 -0.07
N ILE A 297 12.41 4.18 -0.66
CA ILE A 297 13.00 4.61 -1.93
C ILE A 297 12.77 3.47 -2.89
N THR A 298 12.13 3.75 -4.03
CA THR A 298 11.98 2.70 -5.04
C THR A 298 12.50 3.23 -6.36
N SER A 299 12.77 2.31 -7.28
CA SER A 299 13.61 2.64 -8.44
C SER A 299 12.76 3.10 -9.62
N HIS A 300 12.04 4.19 -9.40
CA HIS A 300 11.27 4.85 -10.44
C HIS A 300 10.40 3.86 -11.20
N GLN A 301 9.50 3.21 -10.45
CA GLN A 301 8.63 2.20 -11.02
C GLN A 301 7.16 2.63 -11.02
N ALA A 302 6.87 3.92 -10.78
CA ALA A 302 5.48 4.35 -10.64
C ALA A 302 4.67 4.11 -11.93
N TRP A 303 5.30 4.15 -13.09
CA TRP A 303 4.65 3.95 -14.39
C TRP A 303 4.51 2.48 -14.77
N TYR A 304 4.98 1.56 -13.93
CA TYR A 304 5.11 0.15 -14.33
C TYR A 304 3.83 -0.61 -14.00
N THR A 305 2.76 -0.28 -14.73
CA THR A 305 1.57 -1.12 -14.77
C THR A 305 1.38 -1.62 -16.19
N LYS A 306 0.58 -2.68 -16.31
CA LYS A 306 0.30 -3.23 -17.63
C LYS A 306 -0.17 -2.14 -18.59
N GLU A 307 -1.17 -1.36 -18.17
CA GLU A 307 -1.69 -0.29 -19.03
C GLU A 307 -0.64 0.77 -19.34
N ALA A 308 0.14 1.17 -18.33
CA ALA A 308 1.05 2.30 -18.53
C ALA A 308 2.23 1.92 -19.41
N ILE A 309 2.77 0.72 -19.24
CA ILE A 309 3.93 0.35 -20.05
C ILE A 309 3.50 0.00 -21.45
N SER A 310 2.28 -0.54 -21.59
CA SER A 310 1.73 -0.72 -22.93
C SER A 310 1.70 0.61 -23.70
N CYS A 311 1.27 1.69 -23.04
CA CYS A 311 1.21 2.98 -23.71
CA CYS A 311 1.21 2.96 -23.74
C CYS A 311 2.61 3.51 -24.04
N ILE A 312 3.56 3.31 -23.13
CA ILE A 312 4.93 3.78 -23.37
C ILE A 312 5.51 3.11 -24.61
N CYS A 313 5.37 1.79 -24.71
CA CYS A 313 5.96 1.08 -25.84
C CYS A 313 5.18 1.35 -27.11
N GLY A 314 3.84 1.36 -27.02
CA GLY A 314 3.03 1.67 -28.19
C GLY A 314 3.32 3.06 -28.73
N THR A 315 3.48 4.04 -27.85
CA THR A 315 3.78 5.40 -28.29
C THR A 315 5.15 5.46 -28.96
N SER A 316 6.14 4.76 -28.41
CA SER A 316 7.46 4.78 -29.02
C SER A 316 7.44 4.12 -30.40
N LEU A 317 6.73 3.00 -30.53
CA LEU A 317 6.59 2.38 -31.84
C LEU A 317 5.84 3.29 -32.80
N GLN A 318 4.77 3.91 -32.33
CA GLN A 318 4.02 4.84 -33.17
C GLN A 318 4.88 6.04 -33.58
N ASN A 319 5.78 6.50 -32.69
CA ASN A 319 6.70 7.59 -33.06
C ASN A 319 7.55 7.20 -34.26
N PHE A 320 8.00 5.94 -34.34
CA PHE A 320 8.74 5.50 -35.51
C PHE A 320 7.84 5.45 -36.75
N VAL A 321 6.62 4.94 -36.60
CA VAL A 321 5.64 4.97 -37.69
C VAL A 321 5.47 6.39 -38.20
N ASP A 322 5.27 7.33 -37.26
CA ASP A 322 5.09 8.74 -37.61
C ASP A 322 6.34 9.31 -38.27
N PHE A 323 7.52 8.95 -37.78
CA PHE A 323 8.73 9.43 -38.41
C PHE A 323 8.85 8.92 -39.84
N ARG A 324 8.55 7.65 -40.04
CA ARG A 324 8.72 7.05 -41.36
C ARG A 324 7.73 7.62 -42.36
N SER A 325 6.55 8.03 -41.90
CA SER A 325 5.50 8.58 -42.75
C SER A 325 5.49 10.10 -42.76
N ASN A 326 6.47 10.73 -42.13
CA ASN A 326 6.57 12.20 -42.08
C ASN A 326 5.37 12.84 -41.38
N GLN A 327 4.73 12.14 -40.44
CA GLN A 327 3.65 12.78 -39.68
C GLN A 327 3.96 12.84 -38.19
N ILE A 328 5.10 13.43 -37.84
CA ILE A 328 5.50 13.55 -36.45
C ILE A 328 4.49 14.39 -35.68
N LYS A 329 4.17 13.97 -34.45
CA LYS A 329 3.28 14.75 -33.61
C LYS A 329 4.07 15.82 -32.86
N LYS A 330 3.56 17.05 -32.87
CA LYS A 330 4.30 18.13 -32.23
C LYS A 330 4.52 17.86 -30.75
N SER A 331 3.52 17.30 -30.07
CA SER A 331 3.64 17.06 -28.64
C SER A 331 4.76 16.09 -28.32
N ASN A 332 5.10 15.20 -29.25
CA ASN A 332 6.12 14.18 -28.99
C ASN A 332 7.52 14.60 -29.40
N LEU A 333 7.67 15.70 -30.14
CA LEU A 333 8.97 16.11 -30.65
C LEU A 333 9.70 16.93 -29.60
N VAL A 334 10.88 16.48 -29.21
CA VAL A 334 11.61 17.16 -28.14
C VAL A 334 12.42 18.33 -28.69
N ASN A 335 13.13 18.13 -29.79
CA ASN A 335 14.18 19.05 -30.22
C ASN A 335 13.74 19.83 -31.46
N ASN A 336 14.69 20.28 -32.25
CA ASN A 336 14.44 21.14 -33.39
C ASN A 336 15.36 20.71 -34.52
N PRO A 337 15.04 19.61 -35.19
CA PRO A 337 15.97 18.94 -36.12
C PRO A 337 16.00 19.56 -37.52
N ILE A 338 16.14 20.88 -37.57
CA ILE A 338 16.50 21.57 -38.81
C ILE A 338 18.02 21.57 -38.87
N SER A 339 18.59 20.75 -39.75
CA SER A 339 20.05 20.59 -39.77
C SER A 339 20.75 21.90 -40.13
N SER A 340 21.87 22.16 -39.46
CA SER A 340 22.64 23.38 -39.67
C SER A 340 23.06 23.57 -41.13
N ALA B 2 -9.12 -0.22 46.03
CA ALA B 2 -10.42 -0.83 46.28
C ALA B 2 -10.77 -1.82 45.16
N MET B 3 -11.28 -2.98 45.57
CA MET B 3 -11.44 -4.11 44.66
C MET B 3 -12.35 -3.78 43.49
N ASP B 4 -13.45 -3.06 43.73
CA ASP B 4 -14.44 -2.79 42.70
C ASP B 4 -14.03 -1.65 41.76
N MET B 5 -12.81 -1.14 41.87
CA MET B 5 -12.28 -0.14 40.95
C MET B 5 -11.10 -0.68 40.15
N LYS B 6 -10.79 -1.97 40.29
CA LYS B 6 -9.56 -2.53 39.78
C LYS B 6 -9.83 -3.40 38.56
N ILE B 7 -9.00 -3.22 37.54
CA ILE B 7 -9.01 -4.02 36.31
C ILE B 7 -7.68 -4.73 36.22
N THR B 8 -7.71 -6.04 35.97
CA THR B 8 -6.52 -6.76 35.55
C THR B 8 -6.60 -6.99 34.04
N LEU B 9 -5.63 -6.43 33.32
CA LEU B 9 -5.62 -6.46 31.86
C LEU B 9 -4.59 -7.51 31.42
N PHE B 10 -5.08 -8.61 30.86
CA PHE B 10 -4.24 -9.69 30.38
C PHE B 10 -3.78 -9.44 28.94
N SER B 11 -2.76 -10.20 28.52
CA SER B 11 -2.18 -10.03 27.20
C SER B 11 -1.80 -8.57 26.96
N SER B 12 -1.25 -7.94 28.00
CA SER B 12 -0.88 -6.54 27.88
C SER B 12 0.25 -6.35 26.87
N LYS B 13 0.26 -5.18 26.24
CA LYS B 13 1.29 -4.75 25.30
C LYS B 13 1.53 -3.27 25.52
N PRO B 14 2.66 -2.75 25.03
CA PRO B 14 2.90 -1.30 25.15
C PRO B 14 1.77 -0.44 24.60
N TYR B 15 1.14 -0.83 23.50
CA TYR B 15 0.08 0.02 22.95
C TYR B 15 -1.20 -0.05 23.78
N TRP B 16 -1.49 -1.17 24.44
CA TRP B 16 -2.62 -1.19 25.36
C TRP B 16 -2.34 -0.33 26.59
N VAL B 17 -1.14 -0.47 27.16
CA VAL B 17 -0.77 0.36 28.31
C VAL B 17 -0.95 1.84 27.95
N LYS B 18 -0.38 2.24 26.83
CA LYS B 18 -0.42 3.65 26.44
C LYS B 18 -1.85 4.15 26.35
N TRP B 19 -2.73 3.40 25.68
CA TRP B 19 -4.06 3.92 25.38
C TRP B 19 -5.01 3.79 26.55
N PHE B 20 -4.93 2.70 27.33
CA PHE B 20 -5.77 2.60 28.52
C PHE B 20 -5.37 3.64 29.56
N ASN B 21 -4.07 3.91 29.72
CA ASN B 21 -3.65 4.95 30.65
C ASN B 21 -4.08 6.32 30.18
N GLU B 22 -3.96 6.58 28.88
CA GLU B 22 -4.39 7.88 28.38
C GLU B 22 -5.88 8.11 28.63
N LEU B 23 -6.70 7.09 28.42
CA LEU B 23 -8.15 7.26 28.46
C LEU B 23 -8.76 6.95 29.82
N ASN B 24 -7.98 6.50 30.80
CA ASN B 24 -8.52 6.16 32.12
C ASN B 24 -8.64 7.45 32.93
N LYS B 25 -9.77 8.14 32.73
CA LYS B 25 -10.12 9.30 33.52
C LYS B 25 -11.13 8.97 34.61
N PHE B 26 -11.22 7.70 35.00
CA PHE B 26 -12.25 7.26 35.92
C PHE B 26 -11.66 6.81 37.24
N SER B 27 -10.36 6.99 37.45
CA SER B 27 -9.68 6.58 38.67
C SER B 27 -9.64 5.07 38.83
N TYR B 28 -9.69 4.33 37.73
CA TYR B 28 -9.53 2.88 37.84
C TYR B 28 -8.07 2.55 38.09
N GLU B 29 -7.85 1.51 38.86
CA GLU B 29 -6.53 0.93 39.01
C GLU B 29 -6.41 -0.20 38.01
N ILE B 30 -5.34 -0.19 37.22
CA ILE B 30 -5.17 -1.16 36.14
C ILE B 30 -3.88 -1.93 36.37
N ASN B 31 -4.01 -3.24 36.54
CA ASN B 31 -2.87 -4.14 36.69
C ASN B 31 -2.61 -4.79 35.32
N TYR B 32 -1.50 -4.40 34.68
CA TYR B 32 -1.18 -4.88 33.33
C TYR B 32 -0.38 -6.18 33.42
N VAL B 33 -0.95 -7.24 32.87
CA VAL B 33 -0.33 -8.57 32.92
C VAL B 33 0.06 -8.98 31.50
N THR B 34 1.36 -9.22 31.31
CA THR B 34 1.85 -9.60 29.99
C THR B 34 1.33 -10.98 29.58
N SER B 35 1.25 -11.93 30.52
CA SER B 35 0.80 -13.26 30.14
C SER B 35 -0.63 -13.23 29.63
N ALA B 36 -0.90 -14.10 28.66
CA ALA B 36 -2.28 -14.42 28.32
C ALA B 36 -3.00 -14.91 29.57
N CYS B 37 -4.31 -14.68 29.60
CA CYS B 37 -5.12 -15.27 30.65
C CYS B 37 -5.26 -16.77 30.39
N ASP B 38 -4.85 -17.58 31.35
CA ASP B 38 -5.04 -19.02 31.31
C ASP B 38 -4.96 -19.53 32.74
N ILE B 39 -5.01 -20.86 32.89
CA ILE B 39 -5.17 -21.39 34.24
C ILE B 39 -3.93 -21.16 35.10
N LYS B 40 -2.78 -20.91 34.48
CA LYS B 40 -1.57 -20.63 35.25
C LYS B 40 -1.43 -19.17 35.66
N SER B 41 -2.08 -18.24 34.95
CA SER B 41 -1.95 -16.82 35.27
C SER B 41 -3.18 -16.21 35.93
N VAL B 42 -4.34 -16.86 35.84
CA VAL B 42 -5.60 -16.28 36.30
C VAL B 42 -5.48 -15.72 37.71
N ASN B 43 -4.60 -16.29 38.54
CA ASN B 43 -4.42 -15.79 39.88
C ASN B 43 -3.92 -14.35 39.91
N GLU B 44 -3.35 -13.87 38.81
CA GLU B 44 -2.94 -12.46 38.75
C GLU B 44 -4.13 -11.52 38.94
N ALA B 45 -5.34 -11.98 38.61
CA ALA B 45 -6.56 -11.18 38.70
C ALA B 45 -7.23 -11.25 40.05
N LYS B 46 -6.68 -12.01 40.99
CA LYS B 46 -7.27 -12.12 42.32
C LYS B 46 -7.58 -10.75 42.87
N GLY B 47 -8.83 -10.53 43.26
CA GLY B 47 -9.25 -9.26 43.83
C GLY B 47 -9.60 -8.17 42.85
N SER B 48 -9.53 -8.42 41.54
CA SER B 48 -9.94 -7.43 40.56
C SER B 48 -11.41 -7.63 40.25
N GLU B 49 -12.20 -6.57 40.41
CA GLU B 49 -13.60 -6.63 39.99
C GLU B 49 -13.73 -6.96 38.50
N ALA B 50 -12.79 -6.46 37.69
CA ALA B 50 -12.87 -6.59 36.24
C ALA B 50 -11.58 -7.21 35.69
N VAL B 51 -11.74 -8.05 34.66
CA VAL B 51 -10.62 -8.46 33.83
C VAL B 51 -10.87 -7.91 32.44
N CYS B 52 -9.79 -7.52 31.76
CA CYS B 52 -9.86 -7.04 30.38
C CYS B 52 -9.03 -7.96 29.50
N CYS B 53 -9.67 -8.57 28.50
CA CYS B 53 -9.03 -9.64 27.74
C CYS B 53 -9.14 -9.37 26.25
N PHE B 54 -8.25 -10.01 25.50
CA PHE B 54 -8.18 -9.88 24.05
C PHE B 54 -8.39 -11.26 23.41
N VAL B 55 -8.15 -11.36 22.09
CA VAL B 55 -8.67 -12.49 21.31
C VAL B 55 -8.04 -13.82 21.73
N ASN B 56 -6.80 -13.82 22.21
CA ASN B 56 -6.11 -15.07 22.50
C ASN B 56 -6.13 -15.44 23.98
N ASP B 57 -6.90 -14.76 24.80
CA ASP B 57 -6.96 -15.11 26.21
C ASP B 57 -7.86 -16.31 26.42
N ASP B 58 -7.44 -17.21 27.31
CA ASP B 58 -8.08 -18.51 27.49
C ASP B 58 -9.09 -18.40 28.62
N LEU B 59 -10.31 -17.98 28.28
CA LEU B 59 -11.35 -17.81 29.29
C LEU B 59 -12.25 -19.04 29.33
N SER B 60 -11.61 -20.13 29.74
CA SER B 60 -12.21 -21.45 29.84
C SER B 60 -13.07 -21.56 31.10
N LYS B 61 -13.88 -22.62 31.14
CA LYS B 61 -14.71 -22.89 32.31
C LYS B 61 -13.91 -22.81 33.59
N GLU B 62 -12.78 -23.52 33.64
CA GLU B 62 -11.97 -23.53 34.86
C GLU B 62 -11.42 -22.14 35.17
N VAL B 63 -11.03 -21.40 34.13
CA VAL B 63 -10.48 -20.06 34.33
C VAL B 63 -11.57 -19.12 34.88
N ILE B 64 -12.74 -19.13 34.25
CA ILE B 64 -13.81 -18.23 34.70
C ILE B 64 -14.26 -18.58 36.13
N GLU B 65 -14.37 -19.87 36.44
CA GLU B 65 -14.71 -20.27 37.81
C GLU B 65 -13.68 -19.77 38.81
N THR B 66 -12.39 -19.87 38.46
CA THR B 66 -11.37 -19.34 39.36
C THR B 66 -11.47 -17.83 39.46
N LEU B 67 -11.66 -17.16 38.32
CA LEU B 67 -11.89 -15.71 38.34
C LEU B 67 -13.01 -15.36 39.30
N HIS B 68 -14.16 -16.03 39.17
CA HIS B 68 -15.28 -15.72 40.04
C HIS B 68 -14.94 -16.00 41.50
N SER B 69 -14.39 -17.19 41.79
CA SER B 69 -14.04 -17.51 43.17
C SER B 69 -13.17 -16.43 43.78
N ASN B 70 -12.42 -15.70 42.95
CA ASN B 70 -11.46 -14.72 43.45
C ASN B 70 -11.95 -13.29 43.35
N GLY B 71 -13.23 -13.08 43.04
CA GLY B 71 -13.85 -11.77 43.15
C GLY B 71 -14.11 -11.01 41.86
N THR B 72 -13.90 -11.62 40.70
CA THR B 72 -14.13 -10.95 39.42
C THR B 72 -15.63 -10.94 39.11
N LYS B 73 -16.18 -9.78 38.76
CA LYS B 73 -17.60 -9.65 38.45
C LYS B 73 -17.91 -9.36 37.00
N VAL B 74 -16.93 -8.96 36.20
CA VAL B 74 -17.23 -8.57 34.83
C VAL B 74 -16.00 -8.85 33.98
N ILE B 75 -16.25 -9.29 32.74
CA ILE B 75 -15.21 -9.56 31.76
C ILE B 75 -15.34 -8.51 30.67
N LEU B 76 -14.28 -7.74 30.47
CA LEU B 76 -14.24 -6.72 29.44
C LEU B 76 -13.39 -7.23 28.29
N MET B 77 -14.05 -7.63 27.20
CA MET B 77 -13.35 -8.01 25.97
C MET B 77 -13.00 -6.74 25.21
N ARG B 78 -11.71 -6.46 25.06
CA ARG B 78 -11.34 -5.28 24.27
C ARG B 78 -11.23 -5.62 22.78
N CYS B 79 -12.29 -6.22 22.25
CA CYS B 79 -12.33 -6.76 20.90
C CYS B 79 -13.77 -7.17 20.60
N ALA B 80 -14.01 -7.55 19.35
CA ALA B 80 -15.34 -7.98 18.93
C ALA B 80 -15.55 -9.48 19.10
N GLY B 81 -14.47 -10.27 19.05
CA GLY B 81 -14.60 -11.70 19.13
C GLY B 81 -14.54 -12.22 20.54
N PHE B 82 -15.05 -13.45 20.72
CA PHE B 82 -15.10 -14.06 22.05
C PHE B 82 -15.06 -15.58 21.98
N ASN B 83 -14.50 -16.14 20.90
CA ASN B 83 -14.63 -17.58 20.69
C ASN B 83 -13.85 -18.40 21.71
N LYS B 84 -12.97 -17.78 22.50
CA LYS B 84 -12.30 -18.50 23.57
C LYS B 84 -12.88 -18.21 24.96
N VAL B 85 -14.04 -17.55 25.02
CA VAL B 85 -14.70 -17.25 26.29
C VAL B 85 -15.82 -18.27 26.50
N ASP B 86 -15.76 -19.02 27.59
CA ASP B 86 -16.82 -19.96 27.92
C ASP B 86 -18.08 -19.21 28.36
N LEU B 87 -18.90 -18.78 27.40
CA LEU B 87 -20.06 -17.97 27.72
C LEU B 87 -20.98 -18.65 28.72
N ASP B 88 -21.14 -19.97 28.58
CA ASP B 88 -22.05 -20.68 29.46
C ASP B 88 -21.61 -20.59 30.92
N THR B 89 -20.30 -20.68 31.17
CA THR B 89 -19.82 -20.57 32.55
C THR B 89 -19.97 -19.14 33.08
N ALA B 90 -19.76 -18.14 32.22
CA ALA B 90 -20.02 -16.76 32.61
C ALA B 90 -21.50 -16.57 32.97
N ASN B 91 -22.38 -17.07 32.10
CA ASN B 91 -23.82 -17.03 32.38
C ASN B 91 -24.14 -17.66 33.73
N LYS B 92 -23.66 -18.89 33.95
CA LYS B 92 -24.02 -19.60 35.17
C LYS B 92 -23.52 -18.89 36.41
N LEU B 93 -22.43 -18.12 36.31
CA LEU B 93 -21.90 -17.40 37.46
C LEU B 93 -22.31 -15.93 37.48
N GLY B 94 -23.19 -15.52 36.56
CA GLY B 94 -23.69 -14.15 36.57
C GLY B 94 -22.67 -13.10 36.21
N ILE B 95 -21.68 -13.45 35.38
CA ILE B 95 -20.61 -12.54 34.98
C ILE B 95 -20.96 -12.00 33.60
N PRO B 96 -21.23 -10.71 33.45
CA PRO B 96 -21.47 -10.17 32.11
C PRO B 96 -20.17 -10.14 31.31
N VAL B 97 -20.28 -10.41 30.02
CA VAL B 97 -19.18 -10.32 29.07
C VAL B 97 -19.49 -9.14 28.16
N LEU B 98 -18.71 -8.07 28.29
CA LEU B 98 -18.95 -6.84 27.56
C LEU B 98 -17.84 -6.65 26.54
N ARG B 99 -18.22 -6.34 25.31
CA ARG B 99 -17.25 -6.32 24.24
C ARG B 99 -17.29 -4.97 23.52
N VAL B 100 -16.38 -4.86 22.55
CA VAL B 100 -16.40 -3.78 21.57
C VAL B 100 -16.98 -4.37 20.27
N PRO B 101 -18.23 -4.07 19.92
CA PRO B 101 -18.91 -4.87 18.89
C PRO B 101 -18.44 -4.60 17.46
N ALA B 102 -17.82 -3.45 17.19
CA ALA B 102 -17.40 -3.14 15.84
C ALA B 102 -16.14 -2.27 15.87
N TYR B 103 -15.20 -2.53 14.96
CA TYR B 103 -14.04 -1.65 14.82
C TYR B 103 -14.31 -0.57 13.78
N SER B 104 -13.57 0.53 13.89
CA SER B 104 -13.61 1.60 12.91
C SER B 104 -13.66 1.02 11.50
N PRO B 105 -14.75 1.21 10.77
CA PRO B 105 -14.81 0.62 9.42
C PRO B 105 -13.82 1.28 8.45
N ASN B 106 -13.44 2.53 8.67
CA ASN B 106 -12.37 3.13 7.87
C ASN B 106 -11.06 2.38 8.08
N ALA B 107 -10.72 2.11 9.34
CA ALA B 107 -9.42 1.48 9.60
C ALA B 107 -9.33 0.14 8.90
N VAL B 108 -10.37 -0.69 9.02
CA VAL B 108 -10.26 -2.05 8.49
C VAL B 108 -10.40 -2.05 6.97
N SER B 109 -11.33 -1.25 6.42
CA SER B 109 -11.46 -1.23 4.96
C SER B 109 -10.20 -0.68 4.31
N GLU B 110 -9.58 0.32 4.95
CA GLU B 110 -8.34 0.87 4.42
C GLU B 110 -7.17 -0.12 4.56
N TYR B 111 -7.18 -0.96 5.61
CA TYR B 111 -6.14 -1.98 5.66
C TYR B 111 -6.29 -2.99 4.54
N ALA B 112 -7.53 -3.39 4.24
CA ALA B 112 -7.76 -4.26 3.10
C ALA B 112 -7.25 -3.63 1.82
N LEU B 113 -7.48 -2.31 1.65
CA LEU B 113 -6.97 -1.62 0.47
C LEU B 113 -5.45 -1.62 0.46
N SER B 114 -4.81 -1.46 1.64
CA SER B 114 -3.35 -1.48 1.70
CA SER B 114 -3.35 -1.47 1.67
C SER B 114 -2.80 -2.84 1.26
N LEU B 115 -3.51 -3.92 1.58
CA LEU B 115 -3.08 -5.23 1.11
C LEU B 115 -3.22 -5.34 -0.41
N ILE B 116 -4.32 -4.84 -0.97
CA ILE B 116 -4.46 -4.86 -2.42
C ILE B 116 -3.32 -4.08 -3.07
N MET B 117 -3.10 -2.84 -2.60
N MET B 117 -3.06 -2.87 -2.58
CA MET B 117 -2.06 -2.01 -3.18
CA MET B 117 -2.06 -2.03 -3.23
C MET B 117 -0.69 -2.68 -3.07
C MET B 117 -0.65 -2.57 -3.02
N ALA B 118 -0.41 -3.29 -1.91
CA ALA B 118 0.88 -3.92 -1.73
C ALA B 118 1.07 -5.07 -2.70
N LEU B 119 0.07 -5.95 -2.81
CA LEU B 119 0.16 -7.08 -3.74
C LEU B 119 0.15 -6.62 -5.20
N ASN B 120 -0.51 -5.50 -5.48
CA ASN B 120 -0.57 -4.96 -6.83
C ASN B 120 0.77 -4.29 -7.20
N ARG B 121 1.12 -3.20 -6.54
CA ARG B 121 2.30 -2.43 -6.89
C ARG B 121 3.59 -2.95 -6.23
N LYS B 122 3.47 -3.87 -5.27
CA LYS B 122 4.62 -4.60 -4.72
C LYS B 122 5.64 -3.70 -4.05
N THR B 123 5.16 -2.72 -3.29
CA THR B 123 6.08 -1.83 -2.57
C THR B 123 6.96 -2.58 -1.59
N HIS B 124 6.43 -3.63 -0.95
CA HIS B 124 7.24 -4.41 -0.01
C HIS B 124 8.35 -5.19 -0.71
N LYS B 125 8.06 -5.72 -1.91
CA LYS B 125 9.09 -6.39 -2.70
C LYS B 125 10.16 -5.41 -3.16
N ALA B 126 9.76 -4.20 -3.56
CA ALA B 126 10.74 -3.20 -3.97
C ALA B 126 11.57 -2.72 -2.78
N HIS B 127 10.93 -2.60 -1.62
CA HIS B 127 11.66 -2.20 -0.42
C HIS B 127 12.75 -3.22 -0.07
N ASP B 128 12.41 -4.51 -0.10
CA ASP B 128 13.43 -5.53 0.18
C ASP B 128 14.55 -5.53 -0.86
N ARG B 129 14.21 -5.35 -2.14
CA ARG B 129 15.27 -5.31 -3.15
C ARG B 129 16.20 -4.13 -2.93
N VAL B 130 15.62 -2.94 -2.74
CA VAL B 130 16.43 -1.74 -2.64
C VAL B 130 17.30 -1.76 -1.39
N ARG B 131 16.80 -2.35 -0.29
CA ARG B 131 17.65 -2.49 0.89
C ARG B 131 18.85 -3.38 0.64
N ASP B 132 18.80 -4.25 -0.38
CA ASP B 132 19.97 -5.00 -0.83
C ASP B 132 20.69 -4.33 -1.99
N ALA B 133 20.45 -3.03 -2.22
CA ALA B 133 21.04 -2.32 -3.35
C ALA B 133 20.68 -2.97 -4.68
N ASN B 134 19.52 -3.61 -4.75
CA ASN B 134 19.02 -4.19 -5.99
C ASN B 134 17.91 -3.26 -6.50
N PHE B 135 18.24 -2.47 -7.51
CA PHE B 135 17.30 -1.51 -8.07
C PHE B 135 16.61 -2.04 -9.33
N GLU B 136 16.71 -3.34 -9.58
CA GLU B 136 15.98 -3.96 -10.68
C GLU B 136 14.48 -3.97 -10.39
N ILE B 137 13.67 -3.68 -11.41
CA ILE B 137 12.22 -3.66 -11.23
C ILE B 137 11.51 -4.73 -11.99
N ASN B 138 12.22 -5.57 -12.73
CA ASN B 138 11.55 -6.69 -13.39
C ASN B 138 10.83 -7.54 -12.36
N GLY B 139 9.59 -7.93 -12.66
CA GLY B 139 8.78 -8.69 -11.72
C GLY B 139 7.84 -7.85 -10.87
N MET B 140 7.81 -6.53 -11.05
CA MET B 140 6.96 -5.68 -10.25
C MET B 140 5.88 -4.96 -11.06
N GLU B 141 5.49 -5.54 -12.20
CA GLU B 141 4.42 -4.95 -13.00
C GLU B 141 3.10 -4.99 -12.22
N GLY B 142 2.45 -3.82 -12.12
CA GLY B 142 1.17 -3.72 -11.46
C GLY B 142 0.02 -3.58 -12.45
N PHE B 143 -1.12 -3.18 -11.91
CA PHE B 143 -2.28 -2.84 -12.72
C PHE B 143 -2.86 -1.52 -12.24
N ASN B 144 -3.43 -0.76 -13.16
CA ASN B 144 -4.25 0.38 -12.79
C ASN B 144 -5.48 -0.13 -12.06
N MET B 145 -5.84 0.52 -10.96
CA MET B 145 -6.95 0.02 -10.14
C MET B 145 -8.23 -0.16 -10.95
N VAL B 146 -8.51 0.77 -11.87
CA VAL B 146 -9.76 0.74 -12.61
C VAL B 146 -9.84 -0.40 -13.62
N SER B 147 -8.72 -1.09 -13.87
CA SER B 147 -8.71 -2.16 -14.85
CA SER B 147 -8.68 -2.18 -14.84
C SER B 147 -9.30 -3.47 -14.33
N LYS B 148 -9.59 -3.58 -13.03
CA LYS B 148 -10.07 -4.83 -12.45
C LYS B 148 -11.52 -4.72 -11.99
N VAL B 149 -12.20 -5.86 -11.95
CA VAL B 149 -13.51 -5.96 -11.31
C VAL B 149 -13.32 -6.48 -9.88
N TYR B 150 -13.91 -5.77 -8.91
CA TYR B 150 -13.82 -6.13 -7.51
C TYR B 150 -15.13 -6.76 -7.04
N GLY B 151 -15.02 -7.88 -6.32
CA GLY B 151 -16.15 -8.46 -5.62
C GLY B 151 -15.98 -8.30 -4.11
N ILE B 152 -17.00 -7.72 -3.48
CA ILE B 152 -17.05 -7.53 -2.04
C ILE B 152 -18.04 -8.54 -1.47
N VAL B 153 -17.56 -9.48 -0.66
CA VAL B 153 -18.42 -10.52 -0.11
C VAL B 153 -18.76 -10.12 1.32
N GLY B 154 -19.99 -9.62 1.51
CA GLY B 154 -20.42 -9.10 2.80
C GLY B 154 -20.38 -7.59 2.78
N THR B 155 -21.53 -6.92 2.98
CA THR B 155 -21.59 -5.47 2.91
C THR B 155 -22.12 -4.87 4.21
N GLY B 156 -21.50 -5.28 5.29
CA GLY B 156 -21.72 -4.57 6.55
C GLY B 156 -20.90 -3.29 6.45
N ASN B 157 -20.64 -2.64 7.56
CA ASN B 157 -19.98 -1.30 7.52
C ASN B 157 -18.59 -1.34 6.87
N ILE B 158 -17.81 -2.36 7.17
CA ILE B 158 -16.46 -2.45 6.60
C ILE B 158 -16.52 -2.67 5.10
N GLY B 159 -17.24 -3.71 4.65
CA GLY B 159 -17.35 -3.96 3.23
C GLY B 159 -17.92 -2.77 2.48
N GLU B 160 -18.90 -2.09 3.09
CA GLU B 160 -19.46 -0.88 2.50
C GLU B 160 -18.38 0.17 2.28
N GLN B 161 -17.54 0.42 3.29
CA GLN B 161 -16.51 1.46 3.14
C GLN B 161 -15.50 1.09 2.06
N LEU B 162 -15.17 -0.20 1.91
CA LEU B 162 -14.31 -0.61 0.81
C LEU B 162 -14.98 -0.40 -0.54
N CYS B 163 -16.27 -0.77 -0.64
CA CYS B 163 -17.04 -0.47 -1.85
C CYS B 163 -16.89 1.00 -2.26
N ARG B 164 -17.08 1.90 -1.29
CA ARG B 164 -17.05 3.34 -1.60
C ARG B 164 -15.67 3.76 -2.09
N VAL B 165 -14.61 3.33 -1.40
CA VAL B 165 -13.26 3.70 -1.81
C VAL B 165 -12.99 3.22 -3.23
N LEU B 166 -13.34 1.96 -3.54
CA LEU B 166 -13.06 1.43 -4.86
C LEU B 166 -13.89 2.13 -5.93
N LYS B 167 -15.19 2.29 -5.68
CA LYS B 167 -16.10 2.82 -6.70
C LYS B 167 -15.93 4.32 -6.87
N LEU B 168 -15.97 5.06 -5.77
CA LEU B 168 -15.87 6.51 -5.82
C LEU B 168 -14.43 6.99 -5.96
N GLY B 169 -13.47 6.30 -5.35
CA GLY B 169 -12.08 6.72 -5.42
C GLY B 169 -11.39 6.41 -6.73
N PHE B 170 -11.63 5.22 -7.30
CA PHE B 170 -10.98 4.82 -8.54
C PHE B 170 -11.94 4.69 -9.71
N GLY B 171 -13.24 4.85 -9.49
CA GLY B 171 -14.21 4.60 -10.55
C GLY B 171 -14.24 3.17 -11.01
N ALA B 172 -13.85 2.20 -10.17
CA ALA B 172 -13.81 0.82 -10.61
C ALA B 172 -15.21 0.19 -10.61
N LYS B 173 -15.36 -0.88 -11.38
CA LYS B 173 -16.55 -1.71 -11.27
C LYS B 173 -16.46 -2.60 -10.03
N VAL B 174 -17.45 -2.48 -9.15
CA VAL B 174 -17.56 -3.27 -7.94
C VAL B 174 -18.84 -4.08 -8.00
N ILE B 175 -18.75 -5.37 -7.63
CA ILE B 175 -19.87 -6.29 -7.49
C ILE B 175 -19.94 -6.71 -6.03
N ALA B 176 -21.16 -6.78 -5.47
CA ALA B 176 -21.34 -7.11 -4.07
C ALA B 176 -22.13 -8.39 -3.90
N TYR B 177 -21.89 -9.09 -2.80
CA TYR B 177 -22.70 -10.25 -2.43
C TYR B 177 -23.05 -10.17 -0.95
N ASP B 178 -24.34 -10.29 -0.66
CA ASP B 178 -24.84 -10.33 0.71
C ASP B 178 -26.33 -10.64 0.67
N ILE B 179 -26.80 -11.54 1.54
CA ILE B 179 -28.24 -11.79 1.63
C ILE B 179 -28.99 -10.49 1.90
N ILE B 180 -28.39 -9.60 2.67
CA ILE B 180 -29.02 -8.33 3.06
C ILE B 180 -28.35 -7.23 2.23
N GLU B 181 -29.08 -6.65 1.29
CA GLU B 181 -28.53 -5.55 0.53
C GLU B 181 -28.40 -4.32 1.41
N ASN B 182 -27.31 -3.59 1.21
CA ASN B 182 -27.01 -2.37 1.95
C ASN B 182 -27.37 -1.18 1.07
N LYS B 183 -28.31 -0.36 1.54
CA LYS B 183 -28.81 0.73 0.71
C LYS B 183 -27.70 1.69 0.32
N ALA B 184 -26.75 1.94 1.22
CA ALA B 184 -25.61 2.80 0.92
C ALA B 184 -24.77 2.26 -0.22
N VAL B 185 -24.83 0.95 -0.48
CA VAL B 185 -24.05 0.38 -1.57
C VAL B 185 -24.81 0.50 -2.89
N THR B 186 -26.09 0.14 -2.89
CA THR B 186 -26.88 0.33 -4.12
C THR B 186 -26.99 1.80 -4.49
N ASP B 187 -27.02 2.70 -3.49
CA ASP B 187 -27.09 4.15 -3.76
C ASP B 187 -25.94 4.68 -4.59
N ILE B 188 -24.77 4.04 -4.59
CA ILE B 188 -23.67 4.50 -5.42
C ILE B 188 -23.49 3.61 -6.65
N GLY B 189 -24.55 2.88 -7.02
CA GLY B 189 -24.55 2.21 -8.30
C GLY B 189 -23.89 0.85 -8.34
N ILE B 190 -23.68 0.24 -7.19
CA ILE B 190 -23.03 -1.06 -7.13
C ILE B 190 -24.10 -2.14 -7.16
N GLU B 191 -23.94 -3.10 -8.07
CA GLU B 191 -24.90 -4.18 -8.24
C GLU B 191 -24.59 -5.34 -7.31
N TYR B 192 -25.64 -5.95 -6.77
CA TYR B 192 -25.54 -7.22 -6.05
C TYR B 192 -25.79 -8.37 -7.00
N VAL B 193 -25.06 -9.46 -6.81
CA VAL B 193 -25.30 -10.67 -7.56
C VAL B 193 -25.96 -11.67 -6.63
N LYS B 194 -26.66 -12.63 -7.23
CA LYS B 194 -27.54 -13.52 -6.48
C LYS B 194 -26.80 -14.71 -5.88
N THR B 195 -25.69 -15.13 -6.47
CA THR B 195 -24.94 -16.27 -5.97
C THR B 195 -23.47 -15.92 -5.86
N LEU B 196 -22.79 -16.60 -4.94
CA LEU B 196 -21.33 -16.50 -4.88
C LEU B 196 -20.69 -16.92 -6.19
N ASP B 197 -21.32 -17.84 -6.93
CA ASP B 197 -20.74 -18.30 -8.18
C ASP B 197 -20.57 -17.16 -9.17
N GLU B 198 -21.42 -16.14 -9.08
CA GLU B 198 -21.24 -14.97 -9.94
C GLU B 198 -20.04 -14.13 -9.50
N ILE B 199 -19.75 -14.09 -8.20
CA ILE B 199 -18.51 -13.45 -7.75
C ILE B 199 -17.30 -14.18 -8.35
N TRP B 200 -17.26 -15.51 -8.20
CA TRP B 200 -16.12 -16.24 -8.74
C TRP B 200 -15.98 -15.97 -10.23
N LYS B 201 -17.10 -15.88 -10.93
CA LYS B 201 -17.08 -15.80 -12.38
C LYS B 201 -16.61 -14.42 -12.86
N GLN B 202 -16.98 -13.36 -12.16
CA GLN B 202 -16.82 -12.02 -12.69
C GLN B 202 -15.67 -11.21 -12.10
N CYS B 203 -15.14 -11.59 -10.95
CA CYS B 203 -14.27 -10.69 -10.20
C CYS B 203 -12.80 -11.07 -10.32
N ASP B 204 -11.95 -10.05 -10.53
CA ASP B 204 -10.50 -10.22 -10.57
C ASP B 204 -9.86 -10.10 -9.20
N VAL B 205 -10.48 -9.31 -8.33
CA VAL B 205 -10.02 -9.06 -6.97
C VAL B 205 -11.23 -9.29 -6.07
N ILE B 206 -11.07 -10.16 -5.08
CA ILE B 206 -12.15 -10.51 -4.15
C ILE B 206 -11.68 -10.22 -2.74
N SER B 207 -12.53 -9.53 -1.96
CA SER B 207 -12.24 -9.20 -0.57
C SER B 207 -13.39 -9.70 0.30
N LEU B 208 -13.07 -10.39 1.37
CA LEU B 208 -14.05 -11.11 2.18
C LEU B 208 -14.37 -10.33 3.44
N HIS B 209 -15.66 -10.11 3.70
CA HIS B 209 -16.06 -9.34 4.87
C HIS B 209 -17.31 -9.93 5.53
N THR B 210 -17.51 -11.24 5.45
CA THR B 210 -18.59 -11.93 6.16
C THR B 210 -18.10 -12.46 7.49
N PRO B 211 -18.99 -12.66 8.46
CA PRO B 211 -18.60 -13.42 9.66
C PRO B 211 -18.35 -14.87 9.30
N LEU B 212 -17.66 -15.56 10.22
CA LEU B 212 -17.42 -16.98 10.10
C LEU B 212 -18.57 -17.75 10.74
N ASN B 213 -19.14 -18.70 9.99
CA ASN B 213 -20.19 -19.56 10.50
C ASN B 213 -20.18 -20.82 9.64
N SER B 214 -21.13 -21.72 9.88
CA SER B 214 -21.08 -22.99 9.17
C SER B 214 -21.30 -22.82 7.67
N GLN B 215 -21.84 -21.69 7.22
CA GLN B 215 -22.05 -21.50 5.79
C GLN B 215 -20.91 -20.75 5.10
N THR B 216 -20.16 -19.94 5.83
CA THR B 216 -19.05 -19.22 5.22
C THR B 216 -17.70 -19.91 5.42
N LYS B 217 -17.63 -20.88 6.32
CA LYS B 217 -16.37 -21.58 6.56
C LYS B 217 -15.87 -22.23 5.28
N TYR B 218 -14.60 -22.02 4.97
CA TYR B 218 -13.97 -22.52 3.74
C TYR B 218 -14.75 -22.09 2.50
N MET B 219 -15.36 -20.91 2.57
CA MET B 219 -15.92 -20.33 1.37
C MET B 219 -14.92 -20.34 0.22
N VAL B 220 -13.64 -20.07 0.51
CA VAL B 220 -12.56 -20.22 -0.45
C VAL B 220 -12.00 -21.62 -0.29
N ASN B 221 -12.20 -22.48 -1.29
CA ASN B 221 -11.74 -23.85 -1.21
C ASN B 221 -11.57 -24.37 -2.63
N SER B 222 -11.17 -25.63 -2.75
CA SER B 222 -10.85 -26.17 -4.06
C SER B 222 -11.98 -25.96 -5.05
N GLU B 223 -13.21 -26.20 -4.61
CA GLU B 223 -14.34 -26.09 -5.52
C GLU B 223 -14.55 -24.65 -5.99
N SER B 224 -14.53 -23.68 -5.07
CA SER B 224 -14.72 -22.30 -5.51
C SER B 224 -13.50 -21.76 -6.24
N ILE B 225 -12.29 -22.12 -5.78
CA ILE B 225 -11.10 -21.66 -6.47
C ILE B 225 -11.11 -22.12 -7.93
N GLU B 226 -11.56 -23.34 -8.17
CA GLU B 226 -11.67 -23.82 -9.54
C GLU B 226 -12.55 -22.91 -10.39
N LYS B 227 -13.55 -22.26 -9.78
CA LYS B 227 -14.47 -21.44 -10.55
C LYS B 227 -13.99 -20.00 -10.73
N MET B 228 -12.93 -19.61 -10.04
CA MET B 228 -12.51 -18.22 -10.09
C MET B 228 -11.74 -17.91 -11.38
N ARG B 229 -11.58 -16.64 -11.65
CA ARG B 229 -10.84 -16.23 -12.84
C ARG B 229 -9.35 -16.49 -12.65
N ASP B 230 -8.69 -16.90 -13.73
CA ASP B 230 -7.24 -17.07 -13.73
C ASP B 230 -6.55 -15.80 -13.23
N GLY B 231 -5.69 -15.95 -12.24
CA GLY B 231 -4.99 -14.81 -11.71
C GLY B 231 -5.76 -13.99 -10.71
N VAL B 232 -6.78 -14.56 -10.07
CA VAL B 232 -7.57 -13.81 -9.10
C VAL B 232 -6.68 -13.42 -7.92
N MET B 233 -6.90 -12.21 -7.41
CA MET B 233 -6.32 -11.79 -6.15
C MET B 233 -7.38 -11.92 -5.06
N ILE B 234 -7.00 -12.50 -3.92
CA ILE B 234 -7.93 -12.79 -2.82
C ILE B 234 -7.45 -12.09 -1.56
N ILE B 235 -8.33 -11.30 -0.94
CA ILE B 235 -8.05 -10.55 0.28
C ILE B 235 -8.98 -11.03 1.39
N ASN B 236 -8.45 -11.13 2.60
CA ASN B 236 -9.24 -11.62 3.75
C ASN B 236 -8.72 -10.95 5.02
N VAL B 237 -9.38 -9.87 5.44
CA VAL B 237 -9.12 -9.25 6.73
C VAL B 237 -10.21 -9.59 7.75
N SER B 238 -11.09 -10.55 7.45
CA SER B 238 -12.27 -10.78 8.28
C SER B 238 -12.08 -11.92 9.28
N ARG B 239 -12.11 -13.17 8.81
CA ARG B 239 -11.91 -14.33 9.69
CA ARG B 239 -11.91 -14.32 9.69
C ARG B 239 -11.04 -15.36 8.99
N GLY B 240 -10.09 -15.94 9.76
CA GLY B 240 -9.13 -16.85 9.18
C GLY B 240 -9.75 -17.98 8.38
N ALA B 241 -10.73 -18.67 8.97
CA ALA B 241 -11.23 -19.90 8.36
C ALA B 241 -12.25 -19.67 7.25
N LEU B 242 -12.47 -18.43 6.79
CA LEU B 242 -13.14 -18.26 5.50
C LEU B 242 -12.35 -18.90 4.37
N VAL B 243 -11.02 -19.02 4.52
CA VAL B 243 -10.16 -19.56 3.48
C VAL B 243 -9.62 -20.91 3.97
N ASN B 244 -9.72 -21.92 3.11
CA ASN B 244 -9.06 -23.18 3.37
C ASN B 244 -7.61 -23.05 2.92
N ALA B 245 -6.68 -22.95 3.87
CA ALA B 245 -5.30 -22.60 3.51
C ALA B 245 -4.66 -23.68 2.64
N SER B 246 -4.95 -24.96 2.90
CA SER B 246 -4.44 -26.04 2.04
C SER B 246 -4.87 -25.82 0.60
N ASP B 247 -6.17 -25.58 0.39
CA ASP B 247 -6.66 -25.39 -0.97
C ASP B 247 -6.10 -24.09 -1.56
N ALA B 248 -5.96 -23.05 -0.76
CA ALA B 248 -5.38 -21.81 -1.27
C ALA B 248 -3.96 -22.04 -1.77
N ILE B 249 -3.18 -22.82 -1.02
CA ILE B 249 -1.82 -23.13 -1.43
C ILE B 249 -1.81 -23.82 -2.78
N VAL B 250 -2.70 -24.80 -2.97
CA VAL B 250 -2.79 -25.48 -4.26
C VAL B 250 -3.06 -24.47 -5.37
N GLY B 251 -3.99 -23.54 -5.15
CA GLY B 251 -4.31 -22.57 -6.17
C GLY B 251 -3.22 -21.54 -6.40
N LEU B 252 -2.44 -21.22 -5.36
CA LEU B 252 -1.27 -20.36 -5.57
C LEU B 252 -0.20 -21.08 -6.38
N LYS B 253 0.09 -22.34 -6.05
CA LYS B 253 1.08 -23.10 -6.81
C LYS B 253 0.72 -23.19 -8.29
N SER B 254 -0.55 -23.42 -8.60
CA SER B 254 -0.89 -23.58 -10.02
C SER B 254 -0.98 -22.26 -10.76
N GLY B 255 -0.97 -21.14 -10.07
CA GLY B 255 -1.19 -19.85 -10.72
C GLY B 255 -2.64 -19.44 -10.86
N LYS B 256 -3.60 -20.31 -10.52
CA LYS B 256 -5.00 -19.89 -10.50
C LYS B 256 -5.18 -18.63 -9.67
N ILE B 257 -4.70 -18.67 -8.42
CA ILE B 257 -4.63 -17.49 -7.56
C ILE B 257 -3.30 -16.78 -7.81
N SER B 258 -3.35 -15.51 -8.21
CA SER B 258 -2.12 -14.76 -8.43
CA SER B 258 -2.12 -14.77 -8.43
C SER B 258 -1.54 -14.22 -7.12
N SER B 259 -2.39 -13.87 -6.16
CA SER B 259 -1.88 -13.40 -4.88
C SER B 259 -2.97 -13.54 -3.82
N LEU B 260 -2.53 -13.51 -2.57
CA LEU B 260 -3.37 -13.71 -1.40
C LEU B 260 -2.88 -12.78 -0.31
N GLY B 261 -3.78 -11.97 0.23
CA GLY B 261 -3.45 -11.14 1.37
C GLY B 261 -4.41 -11.44 2.50
N MET B 262 -3.90 -11.83 3.66
CA MET B 262 -4.75 -12.08 4.81
C MET B 262 -4.17 -11.40 6.03
N ASP B 263 -5.05 -10.78 6.81
CA ASP B 263 -4.75 -10.22 8.12
C ASP B 263 -5.26 -11.13 9.24
N VAL B 264 -5.72 -12.33 8.88
CA VAL B 264 -6.26 -13.31 9.82
C VAL B 264 -5.80 -14.68 9.37
N TYR B 265 -5.93 -15.66 10.26
CA TYR B 265 -5.51 -17.01 9.89
C TYR B 265 -6.18 -18.04 10.79
N GLU B 266 -6.62 -19.14 10.18
CA GLU B 266 -7.41 -20.14 10.90
C GLU B 266 -6.73 -20.56 12.20
N ASN B 267 -5.41 -20.71 12.21
CA ASN B 267 -4.79 -21.13 13.46
C ASN B 267 -3.92 -20.05 14.05
N GLU B 268 -4.41 -18.80 14.08
CA GLU B 268 -3.57 -17.67 14.50
C GLU B 268 -3.21 -17.71 15.98
N THR B 269 -3.95 -18.46 16.79
CA THR B 269 -3.88 -18.39 18.25
C THR B 269 -2.45 -18.56 18.76
N ASP B 270 -1.73 -19.57 18.25
CA ASP B 270 -0.38 -19.82 18.74
C ASP B 270 0.65 -18.82 18.23
N TYR B 271 0.28 -17.91 17.33
CA TYR B 271 1.31 -17.14 16.64
C TYR B 271 1.11 -15.63 16.77
N PHE B 272 -0.10 -15.14 16.51
CA PHE B 272 -0.32 -13.71 16.37
C PHE B 272 0.03 -12.96 17.65
N TYR B 273 0.58 -11.77 17.49
CA TYR B 273 0.93 -10.82 18.55
C TYR B 273 2.17 -11.22 19.32
N GLN B 274 2.81 -12.33 19.01
CA GLN B 274 3.95 -12.86 19.75
CA GLN B 274 3.97 -12.78 19.76
C GLN B 274 5.16 -12.90 18.83
N ASP B 275 6.33 -12.55 19.37
CA ASP B 275 7.59 -12.67 18.63
C ASP B 275 8.12 -14.09 18.78
N HIS B 276 7.94 -14.89 17.74
CA HIS B 276 8.38 -16.29 17.74
C HIS B 276 9.64 -16.51 16.90
N ASN B 277 10.44 -15.47 16.69
CA ASN B 277 11.66 -15.68 15.91
C ASN B 277 12.52 -16.72 16.61
N GLY B 278 13.25 -17.51 15.84
CA GLY B 278 14.05 -18.54 16.45
C GLY B 278 13.32 -19.80 16.87
N SER B 279 11.99 -19.83 16.82
CA SER B 279 11.23 -21.07 16.95
C SER B 279 10.65 -21.44 15.59
N ILE B 280 10.64 -22.73 15.29
CA ILE B 280 9.98 -23.22 14.09
C ILE B 280 8.48 -22.99 14.22
N ILE B 281 7.87 -22.42 13.19
CA ILE B 281 6.41 -22.45 13.02
C ILE B 281 6.00 -23.87 12.64
N LYS B 282 5.39 -24.59 13.58
CA LYS B 282 5.02 -25.98 13.36
C LYS B 282 3.88 -26.16 12.36
N ASP B 283 3.02 -25.15 12.20
CA ASP B 283 1.93 -25.21 11.24
C ASP B 283 2.51 -25.06 9.82
N ASP B 284 2.52 -26.14 9.04
CA ASP B 284 3.15 -26.12 7.72
C ASP B 284 2.46 -25.15 6.78
N ASN B 285 1.13 -25.09 6.82
CA ASN B 285 0.42 -24.22 5.89
C ASN B 285 0.80 -22.75 6.11
N LEU B 286 0.91 -22.36 7.38
CA LEU B 286 1.33 -21.01 7.71
C LEU B 286 2.78 -20.76 7.29
N SER B 287 3.67 -21.71 7.59
CA SER B 287 5.06 -21.57 7.15
C SER B 287 5.13 -21.38 5.65
N LEU B 288 4.39 -22.21 4.90
CA LEU B 288 4.40 -22.13 3.45
C LEU B 288 3.85 -20.80 2.95
N LEU B 289 2.66 -20.43 3.42
CA LEU B 289 2.05 -19.17 2.99
C LEU B 289 2.97 -17.99 3.23
N ILE B 290 3.52 -17.88 4.45
CA ILE B 290 4.41 -16.76 4.75
C ILE B 290 5.61 -16.75 3.81
N SER B 291 6.06 -17.92 3.37
CA SER B 291 7.27 -18.01 2.56
C SER B 291 7.05 -17.66 1.09
N TYR B 292 5.81 -17.53 0.66
CA TYR B 292 5.59 -17.35 -0.77
C TYR B 292 5.70 -15.89 -1.16
N PRO B 293 6.19 -15.61 -2.38
CA PRO B 293 6.46 -14.21 -2.75
C PRO B 293 5.22 -13.39 -3.06
N ASN B 294 4.09 -14.03 -3.36
CA ASN B 294 2.87 -13.35 -3.72
C ASN B 294 1.81 -13.48 -2.63
N VAL B 295 2.25 -13.63 -1.38
CA VAL B 295 1.36 -13.78 -0.24
C VAL B 295 1.76 -12.80 0.84
N MET B 296 0.78 -12.13 1.42
CA MET B 296 0.97 -11.29 2.59
CA MET B 296 0.98 -11.30 2.60
C MET B 296 0.10 -11.84 3.72
N ILE B 297 0.73 -12.17 4.85
CA ILE B 297 0.05 -12.59 6.06
C ILE B 297 0.49 -11.61 7.15
N THR B 298 -0.46 -10.92 7.76
CA THR B 298 -0.14 -10.02 8.85
C THR B 298 -0.98 -10.38 10.06
N SER B 299 -0.52 -9.91 11.22
CA SER B 299 -0.99 -10.45 12.51
C SER B 299 -2.19 -9.67 13.03
N HIS B 300 -3.27 -9.70 12.25
CA HIS B 300 -4.55 -9.11 12.66
C HIS B 300 -4.34 -7.69 13.21
N GLN B 301 -3.83 -6.82 12.34
CA GLN B 301 -3.56 -5.44 12.70
C GLN B 301 -4.43 -4.46 11.93
N ALA B 302 -5.46 -4.93 11.23
CA ALA B 302 -6.27 -4.01 10.42
C ALA B 302 -6.93 -2.92 11.26
N TRP B 303 -7.27 -3.21 12.52
CA TRP B 303 -7.90 -2.23 13.42
C TRP B 303 -6.93 -1.24 14.02
N TYR B 304 -5.63 -1.39 13.79
CA TYR B 304 -4.62 -0.69 14.57
C TYR B 304 -4.29 0.67 13.94
N THR B 305 -5.26 1.57 14.01
CA THR B 305 -5.00 2.99 13.80
C THR B 305 -5.24 3.75 15.10
N LYS B 306 -4.73 4.98 15.12
CA LYS B 306 -4.95 5.85 16.27
C LYS B 306 -6.43 5.96 16.61
N GLU B 307 -7.26 6.28 15.63
CA GLU B 307 -8.69 6.44 15.89
C GLU B 307 -9.34 5.14 16.35
N ALA B 308 -8.97 4.00 15.73
CA ALA B 308 -9.67 2.75 16.03
C ALA B 308 -9.26 2.20 17.39
N ILE B 309 -7.97 2.26 17.73
CA ILE B 309 -7.55 1.69 19.01
C ILE B 309 -8.00 2.59 20.15
N SER B 310 -8.09 3.90 19.89
CA SER B 310 -8.68 4.80 20.86
C SER B 310 -10.14 4.41 21.16
N CYS B 311 -10.90 4.05 20.14
CA CYS B 311 -12.29 3.66 20.37
CA CYS B 311 -12.29 3.64 20.34
C CYS B 311 -12.37 2.33 21.11
N ILE B 312 -11.49 1.37 20.77
CA ILE B 312 -11.50 0.09 21.45
C ILE B 312 -11.25 0.26 22.94
N CYS B 313 -10.20 1.01 23.30
CA CYS B 313 -9.87 1.18 24.70
C CYS B 313 -10.91 2.05 25.41
N GLY B 314 -11.34 3.12 24.77
CA GLY B 314 -12.36 3.96 25.37
C GLY B 314 -13.66 3.20 25.62
N THR B 315 -14.11 2.44 24.62
CA THR B 315 -15.32 1.66 24.79
C THR B 315 -15.16 0.63 25.91
N SER B 316 -14.00 -0.02 25.99
CA SER B 316 -13.78 -1.00 27.06
C SER B 316 -13.84 -0.34 28.44
N LEU B 317 -13.25 0.85 28.58
CA LEU B 317 -13.33 1.56 29.86
C LEU B 317 -14.76 1.99 30.16
N GLN B 318 -15.46 2.51 29.15
CA GLN B 318 -16.84 2.89 29.36
C GLN B 318 -17.72 1.68 29.69
N ASN B 319 -17.38 0.49 29.18
CA ASN B 319 -18.09 -0.73 29.56
C ASN B 319 -18.02 -0.98 31.06
N PHE B 320 -16.85 -0.72 31.67
CA PHE B 320 -16.73 -0.85 33.12
C PHE B 320 -17.51 0.26 33.83
N VAL B 321 -17.48 1.48 33.29
CA VAL B 321 -18.32 2.55 33.82
C VAL B 321 -19.79 2.14 33.79
N ASP B 322 -20.22 1.54 32.68
CA ASP B 322 -21.60 1.08 32.54
C ASP B 322 -21.90 -0.06 33.48
N PHE B 323 -20.96 -1.00 33.63
CA PHE B 323 -21.20 -2.08 34.58
C PHE B 323 -21.34 -1.51 36.00
N ARG B 324 -20.48 -0.57 36.37
CA ARG B 324 -20.51 -0.10 37.75
C ARG B 324 -21.75 0.73 38.04
N SER B 325 -22.33 1.39 37.04
CA SER B 325 -23.52 2.20 37.25
C SER B 325 -24.80 1.49 36.83
N ASN B 326 -24.73 0.20 36.46
CA ASN B 326 -25.90 -0.58 36.09
C ASN B 326 -26.58 -0.08 34.80
N GLN B 327 -25.79 0.42 33.85
CA GLN B 327 -26.33 0.90 32.58
C GLN B 327 -25.61 0.24 31.41
N ILE B 328 -25.54 -1.10 31.47
CA ILE B 328 -24.91 -1.86 30.41
C ILE B 328 -25.64 -1.63 29.10
N LYS B 329 -24.89 -1.43 28.02
CA LYS B 329 -25.48 -1.25 26.70
C LYS B 329 -25.78 -2.61 26.07
N LYS B 330 -27.02 -2.78 25.61
CA LYS B 330 -27.42 -4.07 25.04
C LYS B 330 -26.48 -4.49 23.92
N SER B 331 -26.07 -3.54 23.07
CA SER B 331 -25.24 -3.87 21.92
C SER B 331 -23.88 -4.43 22.34
N ASN B 332 -23.40 -4.06 23.54
CA ASN B 332 -22.08 -4.49 24.00
C ASN B 332 -22.10 -5.75 24.82
N LEU B 333 -23.29 -6.24 25.22
CA LEU B 333 -23.37 -7.40 26.08
C LEU B 333 -23.33 -8.67 25.24
N VAL B 334 -22.44 -9.59 25.52
CA VAL B 334 -22.32 -10.79 24.65
C VAL B 334 -23.16 -11.95 25.20
N ASN B 335 -23.29 -12.02 26.51
CA ASN B 335 -23.90 -13.22 27.12
C ASN B 335 -25.23 -12.96 27.81
N ASN B 336 -25.65 -13.89 28.67
CA ASN B 336 -26.93 -13.79 29.41
C ASN B 336 -26.60 -14.06 30.86
N PRO B 337 -26.03 -13.10 31.59
CA PRO B 337 -25.51 -13.34 32.94
C PRO B 337 -26.55 -13.33 34.05
N ILE B 338 -27.61 -14.12 33.85
CA ILE B 338 -28.57 -14.41 34.92
C ILE B 338 -28.07 -15.67 35.62
N SER B 339 -27.54 -15.52 36.84
CA SER B 339 -26.88 -16.66 37.48
C SER B 339 -27.88 -17.80 37.72
N SER B 340 -27.33 -19.02 37.80
CA SER B 340 -28.15 -20.22 38.03
C SER B 340 -28.64 -20.30 39.48
#